data_6I1H
#
_entry.id   6I1H
#
_cell.length_a   112.566
_cell.length_b   112.566
_cell.length_c   118.501
_cell.angle_alpha   90.00
_cell.angle_beta   90.00
_cell.angle_gamma   120.00
#
_symmetry.space_group_name_H-M   'P 32 2 1'
#
loop_
_entity.id
_entity.type
_entity.pdbx_description
1 polymer 'Penicillin-binding protein,Penicillin-binding protein'
2 non-polymer '(4R,5S)-3-{[(3S,5S)-5-(dimethylcarbamoyl)pyrrolidin-3-yl]sulfanyl}-5-[(2S,3R)-3-hydroxy-1-oxobutan-2-yl]-4-methyl-4,5-d ihydro-1H-pyrrole-2-carboxylic acid'
3 water water
#
_entity_poly.entity_id   1
_entity_poly.type   'polypeptide(L)'
_entity_poly.pdbx_seq_one_letter_code
;GPGYQDPLTINADLQRVAEESLNAAVKRVGGVWGSAAVLEIGTGRLLALAPGGTRSVSAIYEPGSVGKLVTLAAAIDQKK
VTPTSTFTVSSTRDMPNGERISDDSPHETQDMTVAGIIAHSYNTGTVQIGDTVSDSVRYEYMQKFGWGAKTGITLPSEES
GILRPHTEWGDRDHYTTMFGQGVAVTTIQLAQMVAVFGQKGVLIPPRIIDGYDDENGVYTPTVMGESRQVVSEDTAQTVL
NIMQGATQPGGTAEGIGAVKGYNVAAKTGTAENVGSSGSLTDTAATFTALIPAENPKIAVAVVIYKENGTVYGSTASAPV
FVDIAQFAMREMKIPPSTVPLYKYPW
;
_entity_poly.pdbx_strand_id   A,B
#
# COMPACT_ATOMS: atom_id res chain seq x y z
N GLN A 5 11.64 -7.95 -18.91
CA GLN A 5 10.59 -6.88 -18.80
C GLN A 5 10.38 -6.45 -17.35
N ASP A 6 9.84 -7.36 -16.51
CA ASP A 6 9.31 -7.03 -15.17
C ASP A 6 10.31 -6.43 -14.16
N PRO A 7 10.04 -5.18 -13.72
CA PRO A 7 10.94 -4.45 -12.84
C PRO A 7 10.66 -4.66 -11.34
N LEU A 8 9.51 -5.23 -10.98
CA LEU A 8 9.16 -5.44 -9.57
C LEU A 8 9.58 -6.82 -9.08
N THR A 9 9.64 -6.97 -7.76
CA THR A 9 10.07 -8.20 -7.10
C THR A 9 8.93 -9.20 -6.87
N ILE A 10 7.69 -8.70 -6.85
CA ILE A 10 6.50 -9.52 -6.62
C ILE A 10 6.47 -10.76 -7.51
N ASN A 11 6.36 -11.93 -6.89
CA ASN A 11 6.09 -13.15 -7.62
C ASN A 11 4.59 -13.30 -7.75
N ALA A 12 4.13 -13.40 -8.99
CA ALA A 12 2.71 -13.25 -9.29
C ALA A 12 1.88 -14.43 -8.79
N ASP A 13 2.43 -15.64 -8.87
CA ASP A 13 1.74 -16.82 -8.36
C ASP A 13 1.66 -16.79 -6.84
N LEU A 14 2.78 -16.47 -6.21
CA LEU A 14 2.83 -16.39 -4.76
C LEU A 14 1.89 -15.30 -4.27
N GLN A 15 1.88 -14.17 -4.96
CA GLN A 15 0.96 -13.10 -4.68
C GLN A 15 -0.51 -13.54 -4.71
N ARG A 16 -0.88 -14.39 -5.67
CA ARG A 16 -2.26 -14.89 -5.76
C ARG A 16 -2.60 -15.83 -4.61
N VAL A 17 -1.67 -16.72 -4.27
CA VAL A 17 -1.79 -17.60 -3.09
C VAL A 17 -1.98 -16.75 -1.83
N ALA A 18 -1.12 -15.75 -1.65
CA ALA A 18 -1.22 -14.84 -0.49
C ALA A 18 -2.58 -14.19 -0.34
N GLU A 19 -3.08 -13.60 -1.43
CA GLU A 19 -4.33 -12.84 -1.42
C GLU A 19 -5.54 -13.74 -1.14
N GLU A 20 -5.51 -14.92 -1.75
CA GLU A 20 -6.53 -15.93 -1.58
C GLU A 20 -6.55 -16.47 -0.14
N SER A 21 -5.36 -16.74 0.41
CA SER A 21 -5.26 -17.24 1.79
C SER A 21 -5.74 -16.16 2.75
N LEU A 22 -5.28 -14.94 2.52
CA LEU A 22 -5.61 -13.84 3.39
C LEU A 22 -7.11 -13.52 3.38
N ASN A 23 -7.72 -13.45 2.20
CA ASN A 23 -9.17 -13.18 2.08
C ASN A 23 -10.00 -14.22 2.79
N ALA A 24 -9.65 -15.48 2.55
CA ALA A 24 -10.36 -16.59 3.17
C ALA A 24 -10.27 -16.54 4.71
N ALA A 25 -9.09 -16.22 5.25
CA ALA A 25 -8.87 -16.18 6.69
C ALA A 25 -9.61 -15.02 7.36
N VAL A 26 -9.58 -13.84 6.74
CA VAL A 26 -10.32 -12.67 7.26
C VAL A 26 -11.83 -12.98 7.40
N LYS A 27 -12.39 -13.60 6.36
CA LYS A 27 -13.80 -14.01 6.35
C LYS A 27 -14.07 -15.13 7.33
N ARG A 28 -13.18 -16.12 7.37
CA ARG A 28 -13.28 -17.25 8.29
C ARG A 28 -13.46 -16.81 9.76
N VAL A 29 -12.73 -15.78 10.19
CA VAL A 29 -12.76 -15.39 11.61
C VAL A 29 -13.56 -14.12 11.87
N GLY A 30 -14.20 -13.57 10.84
CA GLY A 30 -15.02 -12.39 11.00
C GLY A 30 -14.19 -11.14 11.23
N GLY A 31 -13.02 -11.09 10.59
CA GLY A 31 -12.12 -9.96 10.72
C GLY A 31 -12.58 -8.79 9.87
N VAL A 32 -11.97 -7.63 10.08
CA VAL A 32 -12.26 -6.46 9.26
C VAL A 32 -11.22 -6.30 8.14
N TRP A 33 -9.96 -6.61 8.42
CA TRP A 33 -8.91 -6.63 7.39
C TRP A 33 -7.76 -7.50 7.80
N GLY A 34 -6.83 -7.72 6.88
CA GLY A 34 -5.65 -8.48 7.15
C GLY A 34 -4.54 -7.99 6.26
N SER A 35 -3.32 -8.44 6.54
CA SER A 35 -2.17 -8.11 5.72
C SER A 35 -1.12 -9.21 5.82
N ALA A 36 -0.26 -9.32 4.82
CA ALA A 36 0.81 -10.30 4.84
C ALA A 36 1.93 -9.78 3.98
N ALA A 37 3.16 -10.11 4.35
CA ALA A 37 4.34 -9.68 3.61
C ALA A 37 5.31 -10.83 3.63
N VAL A 38 5.90 -11.09 2.46
CA VAL A 38 6.87 -12.16 2.32
C VAL A 38 8.13 -11.54 1.82
N LEU A 39 9.22 -11.71 2.56
CA LEU A 39 10.52 -11.21 2.16
C LEU A 39 11.44 -12.35 1.86
N GLU A 40 12.21 -12.22 0.79
CA GLU A 40 13.28 -13.16 0.48
C GLU A 40 14.46 -12.92 1.42
N ILE A 41 14.89 -13.98 2.10
CA ILE A 41 15.98 -13.90 3.06
C ILE A 41 17.28 -13.51 2.33
N GLY A 42 17.96 -12.50 2.87
CA GLY A 42 19.29 -12.14 2.40
C GLY A 42 19.32 -11.04 1.37
N THR A 43 18.17 -10.69 0.80
CA THR A 43 18.13 -9.75 -0.33
C THR A 43 17.25 -8.53 -0.10
N GLY A 44 16.27 -8.66 0.80
CA GLY A 44 15.29 -7.58 1.02
C GLY A 44 14.15 -7.59 0.02
N ARG A 45 14.15 -8.57 -0.88
CA ARG A 45 13.20 -8.62 -1.99
C ARG A 45 11.80 -9.06 -1.58
N LEU A 46 10.82 -8.22 -1.87
CA LEU A 46 9.43 -8.49 -1.50
C LEU A 46 8.71 -9.39 -2.52
N LEU A 47 8.52 -10.66 -2.16
CA LEU A 47 7.93 -11.68 -3.04
C LEU A 47 6.39 -11.65 -3.08
N ALA A 48 5.77 -11.16 -2.02
CA ALA A 48 4.34 -10.98 -2.00
C ALA A 48 3.97 -9.94 -0.97
N LEU A 49 2.93 -9.17 -1.28
CA LEU A 49 2.40 -8.17 -0.38
C LEU A 49 0.89 -8.09 -0.55
N ALA A 50 0.18 -8.56 0.46
CA ALA A 50 -1.28 -8.59 0.45
C ALA A 50 -1.81 -7.70 1.57
N PRO A 51 -2.94 -7.01 1.36
CA PRO A 51 -3.71 -6.91 0.11
C PRO A 51 -3.02 -5.94 -0.84
N GLY A 52 -3.57 -5.75 -2.04
CA GLY A 52 -3.05 -4.73 -2.94
C GLY A 52 -3.21 -3.35 -2.31
N GLY A 53 -2.47 -2.38 -2.81
CA GLY A 53 -2.45 -1.06 -2.20
C GLY A 53 -1.46 -1.02 -1.05
N THR A 54 -1.72 -0.12 -0.10
CA THR A 54 -0.71 0.25 0.89
C THR A 54 -0.98 -0.20 2.32
N ARG A 55 -2.00 -1.01 2.56
CA ARG A 55 -2.35 -1.47 3.90
C ARG A 55 -1.14 -2.05 4.67
N SER A 56 -0.40 -2.91 4.00
CA SER A 56 0.75 -3.57 4.61
C SER A 56 1.87 -2.60 5.01
N VAL A 57 1.81 -1.35 4.53
CA VAL A 57 2.83 -0.37 4.88
C VAL A 57 2.27 0.80 5.67
N SER A 58 0.94 0.94 5.72
CA SER A 58 0.32 2.11 6.33
C SER A 58 -0.55 1.81 7.55
N ALA A 59 -1.05 0.58 7.67
CA ALA A 59 -1.87 0.24 8.84
C ALA A 59 -0.97 -0.10 10.03
N ILE A 60 -1.16 0.60 11.14
CA ILE A 60 -0.40 0.33 12.38
C ILE A 60 -1.29 -0.35 13.40
N TYR A 61 -0.66 -1.16 14.23
CA TYR A 61 -1.35 -1.91 15.27
C TYR A 61 -0.34 -2.34 16.34
N GLU A 62 -0.84 -2.59 17.54
CA GLU A 62 -0.02 -3.25 18.55
C GLU A 62 0.11 -4.72 18.14
N PRO A 63 1.35 -5.24 18.04
CA PRO A 63 1.55 -6.58 17.50
C PRO A 63 1.49 -7.72 18.52
N GLY A 64 1.55 -7.40 19.81
CA GLY A 64 1.52 -8.44 20.85
C GLY A 64 2.77 -9.29 20.86
N SER A 65 2.60 -10.57 21.15
CA SER A 65 3.71 -11.47 21.52
C SER A 65 4.78 -11.70 20.49
N VAL A 66 4.52 -11.37 19.22
CA VAL A 66 5.61 -11.46 18.27
C VAL A 66 6.72 -10.49 18.66
N GLY A 67 6.34 -9.41 19.34
CA GLY A 67 7.28 -8.47 19.96
C GLY A 67 8.22 -9.01 21.03
N LYS A 68 7.88 -10.17 21.61
CA LYS A 68 8.77 -10.86 22.55
C LYS A 68 10.11 -11.24 21.94
N LEU A 69 10.17 -11.35 20.62
CA LEU A 69 11.42 -11.74 19.95
C LEU A 69 12.50 -10.67 20.10
N VAL A 70 12.07 -9.41 20.20
CA VAL A 70 12.98 -8.26 20.39
C VAL A 70 13.54 -8.24 21.84
N THR A 71 12.65 -8.30 22.81
CA THR A 71 13.01 -8.55 24.20
C THR A 71 13.98 -9.72 24.38
N LEU A 72 13.65 -10.87 23.80
CA LEU A 72 14.49 -12.05 23.90
C LEU A 72 15.87 -11.80 23.26
N ALA A 73 15.88 -11.22 22.07
CA ALA A 73 17.11 -10.98 21.36
C ALA A 73 18.01 -10.02 22.12
N ALA A 74 17.41 -9.03 22.79
CA ALA A 74 18.16 -8.04 23.56
C ALA A 74 18.86 -8.67 24.76
N ALA A 75 18.12 -9.48 25.52
CA ALA A 75 18.64 -10.20 26.67
C ALA A 75 19.70 -11.22 26.30
N ILE A 76 19.51 -11.91 25.18
CA ILE A 76 20.51 -12.88 24.70
C ILE A 76 21.75 -12.17 24.16
N ASP A 77 21.55 -11.11 23.39
CA ASP A 77 22.66 -10.41 22.78
C ASP A 77 23.55 -9.72 23.82
N GLN A 78 22.92 -9.28 24.90
CA GLN A 78 23.62 -8.64 26.02
C GLN A 78 24.20 -9.65 27.01
N LYS A 79 24.07 -10.94 26.66
CA LYS A 79 24.57 -12.07 27.42
C LYS A 79 24.03 -12.13 28.83
N LYS A 80 22.77 -11.75 28.97
CA LYS A 80 22.10 -11.71 30.26
C LYS A 80 21.33 -13.00 30.57
N VAL A 81 20.91 -13.72 29.53
CA VAL A 81 20.22 -15.02 29.68
C VAL A 81 20.72 -15.96 28.57
N THR A 82 20.50 -17.25 28.77
CA THR A 82 20.65 -18.23 27.68
C THR A 82 19.31 -18.92 27.40
N PRO A 83 19.22 -19.71 26.31
CA PRO A 83 17.99 -20.46 26.04
C PRO A 83 17.62 -21.42 27.18
N THR A 84 18.62 -21.83 27.97
CA THR A 84 18.36 -22.76 29.08
C THR A 84 18.40 -22.13 30.49
N SER A 85 18.42 -20.80 30.58
CA SER A 85 18.15 -20.13 31.84
C SER A 85 16.74 -20.45 32.31
N THR A 86 16.50 -20.52 33.61
CA THR A 86 15.20 -20.90 34.17
C THR A 86 14.52 -19.72 34.85
N PHE A 87 13.22 -19.59 34.66
CA PHE A 87 12.42 -18.62 35.39
C PHE A 87 11.12 -19.30 35.75
N THR A 88 10.51 -18.84 36.84
CA THR A 88 9.22 -19.36 37.27
C THR A 88 8.11 -18.63 36.54
N VAL A 89 7.20 -19.39 35.94
CA VAL A 89 6.00 -18.86 35.30
C VAL A 89 4.76 -19.17 36.13
N SER A 90 3.77 -18.30 36.05
CA SER A 90 2.57 -18.42 36.86
C SER A 90 1.45 -17.57 36.25
N SER A 91 0.21 -17.81 36.66
CA SER A 91 -0.94 -17.05 36.16
C SER A 91 -0.71 -15.56 36.25
N THR A 92 -0.25 -15.10 37.40
CA THR A 92 0.16 -13.71 37.59
C THR A 92 1.47 -13.61 38.35
N ARG A 93 2.12 -12.46 38.22
CA ARG A 93 3.35 -12.18 38.95
C ARG A 93 3.35 -10.72 39.34
N ASP A 94 3.55 -10.47 40.62
CA ASP A 94 3.74 -9.12 41.12
C ASP A 94 5.21 -8.72 41.00
N MET A 95 5.45 -7.63 40.29
CA MET A 95 6.79 -7.18 39.96
C MET A 95 7.29 -6.15 40.98
N PRO A 96 8.62 -5.97 41.07
CA PRO A 96 9.20 -5.02 42.02
C PRO A 96 8.58 -3.62 41.97
N ASN A 97 8.28 -3.12 40.77
CA ASN A 97 7.72 -1.76 40.63
C ASN A 97 6.24 -1.67 40.96
N GLY A 98 5.67 -2.76 41.46
CA GLY A 98 4.27 -2.80 41.84
C GLY A 98 3.29 -3.24 40.77
N GLU A 99 3.76 -3.45 39.55
CA GLU A 99 2.85 -3.89 38.50
C GLU A 99 2.53 -5.38 38.62
N ARG A 100 1.28 -5.74 38.40
CA ARG A 100 0.93 -7.13 38.23
C ARG A 100 0.89 -7.50 36.75
N ILE A 101 1.61 -8.56 36.40
CA ILE A 101 1.65 -9.07 35.04
C ILE A 101 0.89 -10.39 35.04
N SER A 102 -0.06 -10.53 34.13
CA SER A 102 -0.72 -11.82 34.01
C SER A 102 -0.52 -12.46 32.65
N ASP A 103 -0.59 -13.80 32.66
CA ASP A 103 -0.45 -14.61 31.48
C ASP A 103 -1.74 -14.66 30.64
N ASP A 104 -2.84 -14.16 31.22
CA ASP A 104 -4.15 -14.09 30.56
C ASP A 104 -4.79 -15.46 30.29
N SER A 105 -4.17 -16.50 30.82
CA SER A 105 -4.71 -17.84 30.84
C SER A 105 -4.22 -18.47 32.14
N PRO A 106 -5.14 -18.97 32.99
CA PRO A 106 -4.66 -19.60 34.22
C PRO A 106 -3.94 -20.90 33.92
N HIS A 107 -2.88 -21.16 34.66
CA HIS A 107 -2.09 -22.38 34.52
C HIS A 107 -1.30 -22.59 35.77
N GLU A 108 -0.71 -23.77 35.92
CA GLU A 108 0.08 -24.15 37.08
C GLU A 108 1.37 -23.33 37.17
N THR A 109 1.74 -22.92 38.39
CA THR A 109 3.05 -22.33 38.63
C THR A 109 4.11 -23.41 38.43
N GLN A 110 5.13 -23.12 37.62
CA GLN A 110 6.21 -24.07 37.42
C GLN A 110 7.46 -23.37 36.90
N ASP A 111 8.60 -24.04 37.03
CA ASP A 111 9.83 -23.52 36.46
C ASP A 111 9.96 -23.94 34.99
N MET A 112 10.54 -23.07 34.18
CA MET A 112 10.69 -23.34 32.76
C MET A 112 11.90 -22.61 32.21
N THR A 113 12.58 -23.20 31.23
CA THR A 113 13.67 -22.50 30.53
C THR A 113 13.13 -21.39 29.64
N VAL A 114 14.00 -20.44 29.30
CA VAL A 114 13.70 -19.36 28.35
C VAL A 114 13.08 -19.91 27.04
N ALA A 115 13.65 -21.00 26.51
CA ALA A 115 13.13 -21.60 25.30
C ALA A 115 11.66 -22.00 25.42
N GLY A 116 11.31 -22.66 26.53
CA GLY A 116 9.92 -23.06 26.79
C GLY A 116 8.99 -21.89 27.00
N ILE A 117 9.51 -20.85 27.64
CA ILE A 117 8.74 -19.65 27.96
C ILE A 117 8.29 -18.97 26.67
N ILE A 118 9.18 -18.94 25.68
CA ILE A 118 8.88 -18.34 24.39
C ILE A 118 7.95 -19.21 23.53
N ALA A 119 8.20 -20.52 23.52
CA ALA A 119 7.35 -21.47 22.81
C ALA A 119 5.92 -21.44 23.34
N HIS A 120 5.78 -21.32 24.66
CA HIS A 120 4.47 -21.26 25.32
C HIS A 120 3.90 -19.87 25.36
N SER A 121 4.74 -18.86 25.09
CA SER A 121 4.34 -17.44 25.12
C SER A 121 3.79 -17.00 26.51
N TYR A 122 4.53 -17.33 27.57
CA TYR A 122 4.16 -16.89 28.93
C TYR A 122 4.70 -15.52 29.28
N ASN A 123 3.80 -14.57 29.55
CA ASN A 123 4.21 -13.21 29.90
C ASN A 123 5.02 -13.12 31.20
N THR A 124 4.66 -13.95 32.18
CA THR A 124 5.31 -13.94 33.48
C THR A 124 6.77 -14.38 33.41
N GLY A 125 7.11 -15.22 32.41
CA GLY A 125 8.49 -15.58 32.15
C GLY A 125 9.20 -14.53 31.32
N THR A 126 8.45 -13.90 30.43
CA THR A 126 8.99 -12.91 29.47
C THR A 126 9.41 -11.62 30.15
N VAL A 127 8.61 -11.14 31.11
CA VAL A 127 8.97 -9.91 31.83
C VAL A 127 10.24 -10.06 32.68
N GLN A 128 10.51 -11.29 33.13
CA GLN A 128 11.73 -11.56 33.90
C GLN A 128 12.96 -11.62 32.99
N ILE A 129 12.78 -12.12 31.77
CA ILE A 129 13.82 -12.03 30.76
C ILE A 129 14.13 -10.57 30.45
N GLY A 130 13.09 -9.78 30.24
CA GLY A 130 13.24 -8.37 29.92
C GLY A 130 13.91 -7.55 31.02
N ASP A 131 13.67 -7.95 32.26
CA ASP A 131 14.22 -7.23 33.41
C ASP A 131 15.73 -7.44 33.60
N THR A 132 16.34 -8.31 32.80
CA THR A 132 17.77 -8.51 32.87
C THR A 132 18.57 -7.44 32.11
N VAL A 133 17.89 -6.61 31.32
CA VAL A 133 18.56 -5.52 30.61
C VAL A 133 17.87 -4.19 30.92
N SER A 134 18.59 -3.09 30.74
CA SER A 134 18.00 -1.79 31.01
C SER A 134 17.06 -1.40 29.87
N ASP A 135 16.14 -0.50 30.16
CA ASP A 135 15.20 -0.02 29.17
C ASP A 135 15.88 0.72 28.04
N SER A 136 16.91 1.48 28.35
CA SER A 136 17.59 2.23 27.29
C SER A 136 18.24 1.29 26.28
N VAL A 137 18.77 0.16 26.76
CA VAL A 137 19.39 -0.85 25.90
C VAL A 137 18.31 -1.57 25.07
N ARG A 138 17.21 -1.97 25.72
CA ARG A 138 16.09 -2.59 25.03
C ARG A 138 15.53 -1.70 23.91
N TYR A 139 15.30 -0.44 24.27
CA TYR A 139 14.79 0.57 23.35
C TYR A 139 15.70 0.70 22.14
N GLU A 140 17.01 0.68 22.38
CA GLU A 140 17.97 0.76 21.29
C GLU A 140 17.86 -0.43 20.35
N TYR A 141 17.65 -1.64 20.88
CA TYR A 141 17.41 -2.81 20.05
C TYR A 141 16.10 -2.69 19.27
N MET A 142 15.08 -2.14 19.90
CA MET A 142 13.81 -1.92 19.23
C MET A 142 14.03 -1.06 17.98
N GLN A 143 14.77 0.04 18.14
CA GLN A 143 15.08 0.91 17.00
C GLN A 143 15.88 0.19 15.93
N LYS A 144 16.89 -0.56 16.35
CA LYS A 144 17.74 -1.27 15.42
C LYS A 144 16.96 -2.29 14.60
N PHE A 145 15.96 -2.90 15.24
CA PHE A 145 15.05 -3.84 14.60
C PHE A 145 14.06 -3.16 13.62
N GLY A 146 14.04 -1.83 13.61
CA GLY A 146 13.30 -1.06 12.61
C GLY A 146 12.02 -0.43 13.10
N TRP A 147 11.69 -0.64 14.38
CA TRP A 147 10.48 -0.08 14.97
C TRP A 147 10.60 1.41 15.10
N GLY A 148 9.46 2.11 14.99
CA GLY A 148 9.42 3.57 15.03
C GLY A 148 9.93 4.28 13.79
N ALA A 149 10.39 3.54 12.79
CA ALA A 149 10.92 4.15 11.56
C ALA A 149 10.31 3.53 10.29
N LYS A 150 10.11 4.35 9.26
CA LYS A 150 9.72 3.83 7.94
C LYS A 150 10.81 2.90 7.46
N THR A 151 10.44 1.88 6.69
CA THR A 151 11.41 0.93 6.15
C THR A 151 12.11 1.48 4.91
N GLY A 152 11.49 2.47 4.26
CA GLY A 152 12.02 3.04 3.03
C GLY A 152 11.58 2.39 1.72
N ILE A 153 10.73 1.36 1.79
CA ILE A 153 10.20 0.70 0.58
C ILE A 153 9.53 1.71 -0.35
N THR A 154 9.68 1.54 -1.67
CA THR A 154 9.18 2.54 -2.62
C THR A 154 7.69 2.35 -2.93
N LEU A 155 6.89 2.50 -1.89
CA LEU A 155 5.45 2.50 -1.97
C LEU A 155 4.99 3.76 -1.28
N PRO A 156 3.82 4.30 -1.65
CA PRO A 156 3.38 5.51 -0.94
C PRO A 156 2.77 5.21 0.43
N SER A 157 2.69 6.26 1.25
CA SER A 157 1.90 6.29 2.47
C SER A 157 2.42 5.39 3.61
N GLU A 158 3.70 5.04 3.59
CA GLU A 158 4.25 4.20 4.66
C GLU A 158 4.25 4.92 6.03
N GLU A 159 3.77 4.22 7.06
CA GLU A 159 3.80 4.70 8.43
C GLU A 159 5.08 4.28 9.15
N SER A 160 5.57 5.15 10.02
CA SER A 160 6.73 4.86 10.85
C SER A 160 6.35 3.98 12.06
N GLY A 161 5.08 3.95 12.41
CA GLY A 161 4.63 3.24 13.60
C GLY A 161 4.82 4.11 14.84
N ILE A 162 4.63 3.53 16.03
CA ILE A 162 4.76 4.27 17.27
C ILE A 162 5.71 3.56 18.22
N LEU A 163 6.84 4.21 18.48
CA LEU A 163 7.76 3.81 19.55
C LEU A 163 8.06 5.05 20.38
N ARG A 164 7.40 5.17 21.54
CA ARG A 164 7.68 6.27 22.45
C ARG A 164 9.10 6.09 23.02
N PRO A 165 9.85 7.20 23.17
CA PRO A 165 11.20 7.12 23.76
C PRO A 165 11.18 6.54 25.17
N HIS A 166 12.16 5.70 25.49
CA HIS A 166 12.15 4.91 26.73
C HIS A 166 12.07 5.80 27.95
N THR A 167 12.70 6.98 27.87
CA THR A 167 12.69 7.97 28.94
C THR A 167 11.27 8.41 29.33
N GLU A 168 10.32 8.06 28.48
CA GLU A 168 8.93 8.46 28.61
C GLU A 168 8.11 7.35 29.29
N TRP A 169 8.65 6.13 29.34
CA TRP A 169 7.91 4.97 29.88
C TRP A 169 7.60 5.03 31.36
N GLY A 170 6.37 4.69 31.73
CA GLY A 170 5.99 4.51 33.12
C GLY A 170 6.20 3.07 33.55
N ASP A 171 5.77 2.75 34.77
CA ASP A 171 5.86 1.41 35.33
C ASP A 171 5.22 0.33 34.45
N ARG A 172 4.04 0.62 33.91
CA ARG A 172 3.33 -0.32 33.05
C ARG A 172 4.01 -0.46 31.68
N ASP A 173 4.33 0.67 31.04
CA ASP A 173 5.06 0.71 29.77
C ASP A 173 6.31 -0.13 29.78
N HIS A 174 7.02 -0.07 30.91
CA HIS A 174 8.25 -0.83 31.08
C HIS A 174 8.04 -2.29 30.74
N TYR A 175 6.90 -2.84 31.16
CA TYR A 175 6.55 -4.23 30.92
C TYR A 175 5.78 -4.50 29.63
N THR A 176 4.78 -3.65 29.31
CA THR A 176 3.94 -3.93 28.14
C THR A 176 4.74 -3.88 26.85
N THR A 177 5.78 -3.05 26.82
CA THR A 177 6.66 -2.99 25.66
C THR A 177 7.50 -4.24 25.45
N MET A 178 7.52 -5.15 26.43
CA MET A 178 8.30 -6.38 26.29
C MET A 178 7.55 -7.42 25.49
N PHE A 179 6.22 -7.29 25.50
CA PHE A 179 5.36 -8.23 24.77
C PHE A 179 4.40 -7.56 23.77
N GLY A 180 4.88 -6.50 23.13
CA GLY A 180 4.20 -5.85 22.01
C GLY A 180 2.91 -5.11 22.31
N GLN A 181 2.79 -4.57 23.52
CA GLN A 181 1.67 -3.69 23.82
C GLN A 181 2.21 -2.31 24.16
N GLY A 182 1.50 -1.26 23.80
CA GLY A 182 2.01 0.10 24.00
C GLY A 182 3.09 0.50 23.00
N VAL A 183 3.23 -0.31 21.96
CA VAL A 183 4.04 -0.04 20.78
C VAL A 183 3.14 -0.38 19.58
N ALA A 184 3.34 0.33 18.45
CA ALA A 184 2.57 0.10 17.23
C ALA A 184 3.49 -0.04 16.03
N VAL A 185 3.19 -1.05 15.21
CA VAL A 185 4.01 -1.43 14.06
C VAL A 185 3.17 -1.63 12.79
N THR A 186 3.85 -1.71 11.66
CA THR A 186 3.25 -2.12 10.41
C THR A 186 3.63 -3.58 10.11
N THR A 187 2.94 -4.19 9.15
CA THR A 187 3.22 -5.56 8.74
C THR A 187 4.58 -5.65 8.11
N ILE A 188 4.93 -4.64 7.32
CA ILE A 188 6.22 -4.61 6.66
C ILE A 188 7.36 -4.56 7.70
N GLN A 189 7.16 -3.82 8.78
CA GLN A 189 8.12 -3.76 9.88
C GLN A 189 8.27 -5.12 10.55
N LEU A 190 7.17 -5.86 10.73
CA LEU A 190 7.26 -7.17 11.35
C LEU A 190 8.04 -8.16 10.49
N ALA A 191 7.90 -8.05 9.17
CA ALA A 191 8.61 -8.95 8.28
C ALA A 191 10.13 -8.65 8.27
N GLN A 192 10.46 -7.37 8.20
CA GLN A 192 11.85 -6.87 8.22
C GLN A 192 12.55 -7.30 9.51
N MET A 193 11.81 -7.27 10.62
CA MET A 193 12.30 -7.69 11.93
C MET A 193 12.64 -9.17 11.99
N VAL A 194 11.69 -10.02 11.62
CA VAL A 194 11.90 -11.46 11.75
C VAL A 194 13.02 -11.97 10.83
N ALA A 195 13.19 -11.32 9.68
CA ALA A 195 14.21 -11.72 8.71
C ALA A 195 15.61 -11.63 9.30
N VAL A 196 15.81 -10.65 10.18
CA VAL A 196 17.05 -10.47 10.93
C VAL A 196 17.59 -11.79 11.48
N PHE A 197 16.71 -12.63 12.03
CA PHE A 197 17.12 -13.89 12.66
C PHE A 197 17.54 -14.97 11.67
N GLY A 198 17.18 -14.78 10.38
CA GLY A 198 17.60 -15.66 9.30
C GLY A 198 18.70 -15.03 8.45
N GLN A 199 19.10 -13.83 8.81
CA GLN A 199 20.13 -13.07 8.09
C GLN A 199 21.39 -12.82 8.94
N LYS A 200 21.69 -13.74 9.87
CA LYS A 200 22.86 -13.65 10.74
C LYS A 200 22.89 -12.41 11.63
N GLY A 201 21.71 -11.90 11.96
CA GLY A 201 21.59 -10.72 12.80
C GLY A 201 21.58 -9.42 12.02
N VAL A 202 21.55 -9.51 10.70
CA VAL A 202 21.53 -8.33 9.84
C VAL A 202 20.10 -7.92 9.43
N LEU A 203 19.81 -6.64 9.49
CA LEU A 203 18.57 -6.11 8.92
C LEU A 203 18.88 -5.56 7.53
N ILE A 204 18.05 -5.92 6.55
CA ILE A 204 18.20 -5.50 5.15
C ILE A 204 16.94 -4.77 4.75
N PRO A 205 17.06 -3.51 4.30
CA PRO A 205 15.88 -2.75 3.86
C PRO A 205 15.06 -3.50 2.80
N PRO A 206 13.74 -3.57 2.99
CA PRO A 206 12.88 -4.25 2.00
C PRO A 206 12.78 -3.46 0.69
N ARG A 207 12.79 -4.16 -0.44
CA ARG A 207 12.56 -3.50 -1.73
C ARG A 207 11.54 -4.22 -2.59
N ILE A 208 10.77 -3.42 -3.33
CA ILE A 208 9.78 -3.93 -4.26
C ILE A 208 10.29 -3.76 -5.70
N ILE A 209 11.22 -2.84 -5.90
CA ILE A 209 11.76 -2.58 -7.22
C ILE A 209 13.07 -3.32 -7.46
N ASP A 210 13.04 -4.25 -8.40
CA ASP A 210 14.22 -5.02 -8.78
C ASP A 210 15.17 -4.25 -9.69
N GLY A 211 14.63 -3.30 -10.46
CA GLY A 211 15.47 -2.43 -11.28
C GLY A 211 14.77 -1.89 -12.49
N TYR A 212 15.01 -0.62 -12.77
CA TYR A 212 14.36 0.04 -13.91
C TYR A 212 15.27 0.21 -15.13
N ASP A 213 14.85 1.07 -16.05
CA ASP A 213 15.63 1.42 -17.23
C ASP A 213 16.20 2.83 -17.09
N ASN A 216 21.68 5.12 -22.52
CA ASN A 216 20.65 4.35 -23.21
C ASN A 216 19.32 4.38 -22.48
N GLY A 217 18.60 3.27 -22.60
CA GLY A 217 17.47 2.94 -21.74
C GLY A 217 17.68 1.50 -21.31
N VAL A 218 18.77 1.27 -20.57
CA VAL A 218 19.19 -0.09 -20.20
C VAL A 218 18.53 -0.56 -18.91
N TYR A 219 18.23 -1.86 -18.84
CA TYR A 219 17.70 -2.48 -17.62
C TYR A 219 18.81 -2.66 -16.58
N THR A 220 18.90 -1.70 -15.68
CA THR A 220 19.89 -1.72 -14.61
C THR A 220 19.22 -2.11 -13.28
N PRO A 221 19.63 -3.26 -12.70
CA PRO A 221 19.00 -3.75 -11.47
C PRO A 221 19.36 -2.92 -10.25
N THR A 222 18.41 -2.80 -9.32
CA THR A 222 18.64 -2.10 -8.06
C THR A 222 19.51 -2.92 -7.11
N VAL A 223 20.28 -2.23 -6.27
CA VAL A 223 21.20 -2.86 -5.33
C VAL A 223 20.54 -3.07 -3.96
N MET A 224 21.22 -3.79 -3.07
CA MET A 224 20.63 -4.34 -1.85
C MET A 224 20.24 -3.36 -0.72
N GLY A 225 20.70 -2.11 -0.80
CA GLY A 225 20.38 -1.10 0.24
C GLY A 225 21.18 -1.28 1.52
N GLU A 226 21.39 -0.18 2.25
CA GLU A 226 22.28 -0.18 3.43
C GLU A 226 21.79 -0.99 4.64
N SER A 227 22.36 -2.18 4.78
CA SER A 227 21.99 -3.08 5.85
C SER A 227 22.69 -2.70 7.16
N ARG A 228 22.25 -3.28 8.28
CA ARG A 228 22.86 -2.97 9.57
C ARG A 228 22.81 -4.15 10.52
N GLN A 229 23.90 -4.30 11.28
CA GLN A 229 24.02 -5.36 12.28
C GLN A 229 23.11 -5.01 13.45
N VAL A 230 22.16 -5.88 13.74
CA VAL A 230 21.20 -5.63 14.81
C VAL A 230 21.62 -6.42 16.05
N VAL A 231 21.90 -7.70 15.86
CA VAL A 231 22.41 -8.56 16.92
C VAL A 231 23.54 -9.38 16.30
N SER A 232 24.32 -10.05 17.13
CA SER A 232 25.40 -10.88 16.63
C SER A 232 24.87 -12.11 15.90
N GLU A 233 25.74 -12.73 15.10
CA GLU A 233 25.43 -13.98 14.43
C GLU A 233 24.99 -15.09 15.40
N ASP A 234 25.63 -15.16 16.57
CA ASP A 234 25.29 -16.18 17.58
C ASP A 234 23.89 -15.99 18.15
N THR A 235 23.54 -14.74 18.45
CA THR A 235 22.22 -14.38 18.95
C THR A 235 21.14 -14.79 17.95
N ALA A 236 21.32 -14.36 16.70
CA ALA A 236 20.41 -14.67 15.59
C ALA A 236 20.12 -16.15 15.48
N GLN A 237 21.17 -16.96 15.56
CA GLN A 237 21.06 -18.42 15.51
C GLN A 237 20.33 -19.01 16.72
N THR A 238 20.57 -18.43 17.89
CA THR A 238 19.91 -18.86 19.13
C THR A 238 18.40 -18.53 19.12
N VAL A 239 18.04 -17.33 18.70
CA VAL A 239 16.65 -16.96 18.48
C VAL A 239 15.98 -17.88 17.43
N LEU A 240 16.66 -18.12 16.31
CA LEU A 240 16.18 -19.05 15.29
C LEU A 240 15.93 -20.46 15.84
N ASN A 241 16.81 -20.92 16.74
CA ASN A 241 16.60 -22.22 17.40
C ASN A 241 15.42 -22.18 18.36
N ILE A 242 15.30 -21.11 19.13
CA ILE A 242 14.20 -20.97 20.07
C ILE A 242 12.84 -20.94 19.34
N MET A 243 12.80 -20.20 18.22
CA MET A 243 11.60 -20.09 17.39
C MET A 243 11.05 -21.42 16.85
N GLN A 244 11.92 -22.43 16.72
CA GLN A 244 11.50 -23.77 16.33
C GLN A 244 10.67 -24.50 17.40
N GLY A 245 10.53 -23.89 18.57
CA GLY A 245 9.71 -24.48 19.60
C GLY A 245 8.23 -24.32 19.34
N ALA A 246 7.87 -23.35 18.50
CA ALA A 246 6.45 -22.99 18.23
C ALA A 246 5.60 -24.13 17.72
N THR A 247 6.17 -24.96 16.84
CA THR A 247 5.45 -26.09 16.28
C THR A 247 5.62 -27.41 17.05
N GLN A 248 6.41 -27.40 18.12
CA GLN A 248 6.53 -28.60 18.94
C GLN A 248 5.37 -28.77 19.90
N PRO A 249 5.19 -29.99 20.47
CA PRO A 249 4.12 -30.23 21.43
C PRO A 249 4.19 -29.25 22.60
N GLY A 250 3.07 -28.60 22.91
CA GLY A 250 3.05 -27.51 23.89
C GLY A 250 3.26 -26.11 23.30
N GLY A 251 3.85 -26.02 22.11
CA GLY A 251 4.04 -24.73 21.44
C GLY A 251 2.71 -24.10 21.01
N THR A 252 2.70 -22.78 20.87
CA THR A 252 1.47 -22.04 20.54
C THR A 252 1.00 -22.25 19.09
N ALA A 253 1.90 -22.77 18.26
CA ALA A 253 1.62 -23.02 16.85
C ALA A 253 1.72 -24.51 16.50
N GLU A 254 1.57 -25.38 17.50
CA GLU A 254 1.58 -26.84 17.27
C GLU A 254 0.43 -27.25 16.33
N GLY A 255 0.77 -28.05 15.31
CA GLY A 255 -0.21 -28.50 14.33
C GLY A 255 -0.52 -27.46 13.28
N ILE A 256 -1.21 -26.40 13.70
CA ILE A 256 -1.73 -25.39 12.80
C ILE A 256 -0.67 -24.58 12.02
N GLY A 257 0.55 -24.50 12.52
CA GLY A 257 1.61 -23.72 11.85
C GLY A 257 2.62 -24.59 11.12
N ALA A 258 2.40 -25.90 11.15
CA ALA A 258 3.32 -26.86 10.53
C ALA A 258 3.20 -26.88 8.99
N VAL A 259 4.37 -26.93 8.34
CA VAL A 259 4.47 -27.00 6.90
C VAL A 259 5.10 -28.34 6.54
N LYS A 260 4.26 -29.26 6.09
CA LYS A 260 4.67 -30.65 5.87
C LYS A 260 6.00 -30.74 5.11
N GLY A 261 6.98 -31.37 5.75
CA GLY A 261 8.29 -31.58 5.11
C GLY A 261 9.33 -30.55 5.47
N TYR A 262 8.91 -29.43 6.06
CA TYR A 262 9.82 -28.32 6.33
C TYR A 262 9.81 -27.86 7.80
N ASN A 263 11.00 -27.63 8.35
CA ASN A 263 11.14 -27.05 9.69
C ASN A 263 10.70 -25.60 9.74
N VAL A 264 9.77 -25.31 10.65
CA VAL A 264 9.26 -23.95 10.82
C VAL A 264 9.79 -23.27 12.08
N ALA A 265 10.21 -22.03 11.93
CA ALA A 265 10.54 -21.19 13.07
C ALA A 265 9.49 -20.09 13.07
N ALA A 266 8.76 -19.94 14.17
CA ALA A 266 7.67 -18.96 14.19
C ALA A 266 7.38 -18.38 15.58
N LYS A 267 6.68 -17.25 15.60
CA LYS A 267 6.11 -16.73 16.84
C LYS A 267 4.68 -16.25 16.55
N THR A 268 3.77 -16.55 17.46
CA THR A 268 2.38 -16.10 17.41
C THR A 268 2.16 -14.86 18.28
N GLY A 269 1.04 -14.17 18.04
CA GLY A 269 0.61 -13.06 18.86
C GLY A 269 -0.90 -12.89 18.80
N THR A 270 -1.48 -12.48 19.92
CA THR A 270 -2.90 -12.19 20.05
C THR A 270 -2.92 -10.89 20.84
N ALA A 271 -2.95 -9.77 20.10
CA ALA A 271 -2.69 -8.45 20.65
C ALA A 271 -3.95 -7.64 20.84
N GLU A 272 -4.15 -7.12 22.05
CA GLU A 272 -5.23 -6.20 22.32
C GLU A 272 -4.95 -4.90 21.61
N ASN A 273 -6.02 -4.29 21.10
CA ASN A 273 -5.91 -3.03 20.36
C ASN A 273 -7.09 -2.14 20.69
N VAL A 274 -6.87 -0.84 20.66
CA VAL A 274 -7.88 0.13 21.04
C VAL A 274 -8.99 0.19 19.97
N GLY A 275 -10.22 -0.02 20.41
CA GLY A 275 -11.36 -0.05 19.51
C GLY A 275 -11.94 1.32 19.20
N SER A 276 -13.02 1.33 18.42
CA SER A 276 -13.66 2.54 17.95
C SER A 276 -14.02 3.49 19.09
N SER A 277 -14.55 2.92 20.17
CA SER A 277 -14.98 3.70 21.32
C SER A 277 -13.98 3.65 22.48
N GLY A 278 -12.71 3.91 22.20
CA GLY A 278 -11.71 4.17 23.24
C GLY A 278 -11.03 3.02 23.99
N SER A 279 -11.75 1.95 24.31
CA SER A 279 -11.17 0.87 25.12
C SER A 279 -10.58 -0.28 24.29
N LEU A 280 -10.00 -1.25 24.97
CA LEU A 280 -9.25 -2.34 24.31
C LEU A 280 -10.18 -3.48 23.89
N THR A 281 -10.92 -3.23 22.82
CA THR A 281 -11.96 -4.13 22.34
C THR A 281 -11.55 -4.96 21.13
N ASP A 282 -10.53 -4.49 20.41
CA ASP A 282 -10.11 -5.10 19.14
C ASP A 282 -8.95 -6.07 19.36
N THR A 283 -8.66 -6.92 18.40
CA THR A 283 -7.54 -7.82 18.47
C THR A 283 -6.82 -7.94 17.15
N ALA A 284 -5.50 -7.94 17.17
CA ALA A 284 -4.70 -8.24 15.99
C ALA A 284 -4.06 -9.61 16.21
N ALA A 285 -4.37 -10.57 15.34
CA ALA A 285 -3.76 -11.90 15.43
C ALA A 285 -2.52 -11.86 14.54
N THR A 286 -1.34 -12.00 15.15
CA THR A 286 -0.10 -11.88 14.42
C THR A 286 0.67 -13.20 14.32
N PHE A 287 1.50 -13.31 13.29
CA PHE A 287 2.30 -14.51 13.06
C PHE A 287 3.53 -14.09 12.29
N THR A 288 4.72 -14.45 12.79
CA THR A 288 5.97 -14.15 12.09
C THR A 288 6.78 -15.41 12.01
N ALA A 289 7.30 -15.73 10.84
CA ALA A 289 7.92 -17.03 10.64
C ALA A 289 9.06 -17.02 9.63
N LEU A 290 9.90 -18.05 9.71
CA LEU A 290 11.04 -18.25 8.85
C LEU A 290 11.09 -19.70 8.45
N ILE A 291 11.36 -19.95 7.18
CA ILE A 291 11.33 -21.31 6.65
C ILE A 291 12.25 -21.44 5.44
N PRO A 292 12.94 -22.59 5.30
CA PRO A 292 13.04 -23.66 6.30
C PRO A 292 13.91 -23.19 7.45
N ALA A 293 13.57 -23.60 8.67
CA ALA A 293 14.24 -23.09 9.87
C ALA A 293 15.77 -23.30 9.85
N GLU A 294 16.22 -24.47 9.39
CA GLU A 294 17.68 -24.75 9.32
C GLU A 294 18.44 -23.82 8.38
N ASN A 295 17.73 -23.25 7.40
CA ASN A 295 18.36 -22.39 6.41
C ASN A 295 17.31 -21.48 5.74
N PRO A 296 16.79 -20.49 6.48
CA PRO A 296 15.62 -19.74 6.05
C PRO A 296 15.78 -19.17 4.64
N LYS A 297 14.73 -19.26 3.84
CA LYS A 297 14.71 -18.68 2.50
C LYS A 297 13.68 -17.57 2.40
N ILE A 298 12.63 -17.66 3.21
CA ILE A 298 11.67 -16.56 3.29
C ILE A 298 11.36 -16.18 4.73
N ALA A 299 11.01 -14.91 4.92
CA ALA A 299 10.46 -14.40 6.17
C ALA A 299 9.03 -13.97 5.86
N VAL A 300 8.09 -14.30 6.74
CA VAL A 300 6.68 -14.00 6.56
C VAL A 300 6.09 -13.31 7.78
N ALA A 301 5.33 -12.25 7.59
CA ALA A 301 4.52 -11.70 8.66
C ALA A 301 3.05 -11.64 8.21
N VAL A 302 2.14 -12.05 9.08
CA VAL A 302 0.72 -12.01 8.80
C VAL A 302 0.01 -11.33 9.97
N VAL A 303 -0.94 -10.45 9.69
CA VAL A 303 -1.86 -9.95 10.68
C VAL A 303 -3.33 -10.08 10.19
N ILE A 304 -4.24 -10.37 11.11
CA ILE A 304 -5.67 -10.27 10.87
C ILE A 304 -6.22 -9.45 12.02
N TYR A 305 -6.97 -8.41 11.69
CA TYR A 305 -7.47 -7.48 12.69
C TYR A 305 -8.97 -7.71 12.86
N LYS A 306 -9.42 -7.83 14.09
CA LYS A 306 -10.84 -7.97 14.38
C LYS A 306 -11.33 -6.90 15.35
N GLU A 307 -12.46 -6.29 15.03
CA GLU A 307 -13.13 -5.34 15.90
C GLU A 307 -14.06 -6.06 16.85
N ASN A 308 -14.04 -5.67 18.11
CA ASN A 308 -14.94 -6.23 19.12
C ASN A 308 -14.95 -7.75 19.20
N GLY A 309 -13.77 -8.33 19.19
CA GLY A 309 -13.64 -9.77 19.33
C GLY A 309 -12.19 -10.21 19.43
N THR A 310 -12.02 -11.47 19.78
CA THR A 310 -10.70 -12.07 19.90
C THR A 310 -10.47 -13.05 18.76
N VAL A 311 -9.37 -12.85 18.04
CA VAL A 311 -8.84 -13.85 17.13
C VAL A 311 -7.42 -14.18 17.58
N TYR A 312 -6.99 -15.42 17.39
CA TYR A 312 -5.71 -15.89 17.88
C TYR A 312 -4.67 -15.93 16.79
N GLY A 313 -3.44 -15.54 17.11
CA GLY A 313 -2.35 -15.65 16.16
C GLY A 313 -2.32 -16.98 15.44
N SER A 314 -2.54 -18.06 16.19
CA SER A 314 -2.44 -19.40 15.63
C SER A 314 -3.59 -19.76 14.67
N THR A 315 -4.83 -19.55 15.08
CA THR A 315 -5.93 -20.01 14.26
C THR A 315 -6.32 -19.05 13.14
N ALA A 316 -6.09 -17.76 13.33
CA ALA A 316 -6.42 -16.78 12.31
C ALA A 316 -5.33 -16.65 11.25
N SER A 317 -4.09 -16.49 11.69
CA SER A 317 -3.00 -16.05 10.82
C SER A 317 -2.04 -17.17 10.40
N ALA A 318 -1.86 -18.19 11.21
CA ALA A 318 -0.95 -19.27 10.85
C ALA A 318 -1.34 -19.98 9.54
N PRO A 319 -2.64 -20.25 9.32
CA PRO A 319 -3.03 -20.91 8.07
C PRO A 319 -2.67 -20.09 6.83
N VAL A 320 -2.65 -18.76 6.95
CA VAL A 320 -2.23 -17.90 5.85
C VAL A 320 -0.76 -18.16 5.56
N PHE A 321 0.06 -18.22 6.60
CA PHE A 321 1.48 -18.51 6.45
C PHE A 321 1.69 -19.89 5.84
N VAL A 322 0.99 -20.90 6.36
CA VAL A 322 1.12 -22.28 5.87
C VAL A 322 0.88 -22.42 4.36
N ASP A 323 -0.25 -21.88 3.88
CA ASP A 323 -0.57 -21.89 2.44
C ASP A 323 0.48 -21.15 1.62
N ILE A 324 0.87 -19.96 2.07
CA ILE A 324 1.95 -19.20 1.43
C ILE A 324 3.23 -20.03 1.37
N ALA A 325 3.60 -20.63 2.50
CA ALA A 325 4.88 -21.32 2.68
C ALA A 325 4.98 -22.64 1.90
N GLN A 326 3.94 -23.46 1.94
CA GLN A 326 3.87 -24.66 1.09
C GLN A 326 4.08 -24.35 -0.39
N PHE A 327 3.40 -23.32 -0.90
CA PHE A 327 3.56 -22.97 -2.30
C PHE A 327 4.96 -22.43 -2.62
N ALA A 328 5.44 -21.52 -1.78
CA ALA A 328 6.76 -20.91 -1.98
C ALA A 328 7.89 -21.93 -2.04
N MET A 329 7.87 -22.93 -1.16
CA MET A 329 8.91 -23.95 -1.13
C MET A 329 8.96 -24.76 -2.42
N ARG A 330 7.80 -25.14 -2.91
CA ARG A 330 7.69 -25.84 -4.16
C ARG A 330 8.10 -24.96 -5.32
N GLU A 331 7.61 -23.74 -5.36
CA GLU A 331 7.94 -22.84 -6.45
C GLU A 331 9.42 -22.44 -6.48
N MET A 332 10.04 -22.32 -5.30
CA MET A 332 11.45 -21.94 -5.20
C MET A 332 12.35 -23.17 -5.22
N LYS A 333 11.74 -24.33 -5.41
CA LYS A 333 12.46 -25.60 -5.55
C LYS A 333 13.39 -25.84 -4.35
N ILE A 334 12.87 -25.57 -3.16
CA ILE A 334 13.60 -25.82 -1.94
C ILE A 334 13.31 -27.24 -1.48
N PRO A 335 14.37 -28.07 -1.35
CA PRO A 335 14.14 -29.47 -0.96
C PRO A 335 13.65 -29.56 0.48
N PRO A 336 12.80 -30.57 0.78
CA PRO A 336 12.35 -30.74 2.17
C PRO A 336 13.51 -30.82 3.15
N SER A 337 13.25 -30.42 4.39
CA SER A 337 14.23 -30.49 5.48
C SER A 337 14.77 -31.91 5.65
N THR A 338 16.08 -32.00 5.85
CA THR A 338 16.75 -33.27 6.11
C THR A 338 17.33 -33.35 7.52
N VAL A 339 17.15 -32.30 8.31
CA VAL A 339 17.61 -32.27 9.70
C VAL A 339 16.41 -32.11 10.64
N PRO A 340 16.56 -32.51 11.91
CA PRO A 340 15.44 -32.39 12.84
C PRO A 340 15.10 -30.95 13.18
N LEU A 341 13.86 -30.74 13.60
CA LEU A 341 13.43 -29.47 14.17
C LEU A 341 14.17 -29.31 15.50
N TYR A 342 14.80 -28.14 15.70
CA TYR A 342 15.58 -27.87 16.90
C TYR A 342 14.72 -27.90 18.17
N LYS A 343 15.29 -28.46 19.24
CA LYS A 343 14.60 -28.52 20.52
C LYS A 343 15.57 -28.30 21.69
N TYR A 344 15.36 -27.23 22.44
CA TYR A 344 15.99 -27.05 23.74
C TYR A 344 15.14 -27.76 24.79
N PRO A 345 15.79 -28.23 25.89
CA PRO A 345 14.94 -28.70 27.00
C PRO A 345 14.11 -27.54 27.57
N TRP A 346 12.91 -27.86 28.05
CA TRP A 346 11.97 -26.85 28.60
C TRP A 346 11.77 -26.99 30.09
N GLN B 5 4.41 6.74 -44.81
CA GLN B 5 3.64 5.51 -45.18
C GLN B 5 2.53 5.15 -44.18
N ASP B 6 2.53 5.78 -43.01
CA ASP B 6 1.58 5.43 -41.94
C ASP B 6 0.40 6.41 -41.77
N PRO B 7 -0.82 5.87 -41.68
CA PRO B 7 -2.01 6.70 -41.51
C PRO B 7 -2.32 7.05 -40.06
N LEU B 8 -1.76 6.30 -39.12
CA LEU B 8 -2.10 6.47 -37.70
C LEU B 8 -1.11 7.32 -36.91
N THR B 9 -1.63 8.05 -35.93
CA THR B 9 -0.81 8.87 -35.02
C THR B 9 0.04 8.03 -34.06
N ILE B 10 -0.36 6.76 -33.88
CA ILE B 10 0.26 5.82 -32.95
C ILE B 10 1.76 5.61 -33.17
N ASN B 11 2.55 5.78 -32.12
CA ASN B 11 3.98 5.42 -32.13
C ASN B 11 4.10 3.92 -31.86
N ALA B 12 4.64 3.20 -32.82
CA ALA B 12 4.69 1.74 -32.79
C ALA B 12 5.51 1.19 -31.62
N ASP B 13 6.63 1.85 -31.35
CA ASP B 13 7.50 1.42 -30.27
C ASP B 13 6.86 1.66 -28.91
N LEU B 14 6.30 2.84 -28.71
CA LEU B 14 5.61 3.18 -27.46
C LEU B 14 4.36 2.32 -27.23
N GLN B 15 3.61 2.06 -28.29
CA GLN B 15 2.39 1.25 -28.22
C GLN B 15 2.68 -0.16 -27.73
N ARG B 16 3.80 -0.74 -28.16
CA ARG B 16 4.21 -2.06 -27.72
C ARG B 16 4.57 -2.05 -26.24
N VAL B 17 5.24 -0.99 -25.79
CA VAL B 17 5.61 -0.79 -24.39
C VAL B 17 4.35 -0.72 -23.52
N ALA B 18 3.38 0.09 -23.94
CA ALA B 18 2.11 0.24 -23.22
C ALA B 18 1.31 -1.05 -23.14
N GLU B 19 1.48 -1.92 -24.14
CA GLU B 19 0.79 -3.21 -24.17
C GLU B 19 1.46 -4.25 -23.26
N GLU B 20 2.77 -4.38 -23.36
CA GLU B 20 3.50 -5.32 -22.53
C GLU B 20 3.42 -4.92 -21.06
N SER B 21 3.54 -3.61 -20.80
CA SER B 21 3.47 -3.06 -19.44
C SER B 21 2.10 -3.26 -18.82
N LEU B 22 1.05 -2.90 -19.56
CA LEU B 22 -0.32 -3.08 -19.10
C LEU B 22 -0.58 -4.56 -18.78
N ASN B 23 -0.02 -5.43 -19.62
CA ASN B 23 -0.22 -6.86 -19.50
C ASN B 23 0.37 -7.37 -18.19
N ALA B 24 1.66 -7.10 -17.99
CA ALA B 24 2.36 -7.52 -16.77
C ALA B 24 1.65 -7.01 -15.52
N ALA B 25 1.11 -5.78 -15.61
CA ALA B 25 0.44 -5.14 -14.49
C ALA B 25 -0.88 -5.81 -14.12
N VAL B 26 -1.67 -6.17 -15.14
CA VAL B 26 -2.96 -6.81 -14.91
C VAL B 26 -2.80 -8.22 -14.30
N LYS B 27 -1.75 -8.93 -14.72
CA LYS B 27 -1.44 -10.25 -14.16
C LYS B 27 -0.82 -10.19 -12.77
N ARG B 28 0.14 -9.30 -12.58
CA ARG B 28 0.78 -9.06 -11.29
C ARG B 28 -0.26 -8.80 -10.21
N VAL B 29 -1.31 -8.11 -10.59
CA VAL B 29 -2.32 -7.64 -9.66
C VAL B 29 -3.55 -8.55 -9.67
N GLY B 30 -3.55 -9.52 -10.58
CA GLY B 30 -4.69 -10.43 -10.77
C GLY B 30 -5.97 -9.72 -11.19
N GLY B 31 -5.87 -8.72 -12.06
CA GLY B 31 -7.05 -8.03 -12.57
C GLY B 31 -7.65 -8.75 -13.76
N VAL B 32 -8.78 -8.25 -14.23
CA VAL B 32 -9.49 -8.84 -15.35
C VAL B 32 -9.02 -8.23 -16.67
N TRP B 33 -9.05 -6.90 -16.75
CA TRP B 33 -8.56 -6.17 -17.92
C TRP B 33 -8.06 -4.82 -17.51
N GLY B 34 -7.23 -4.23 -18.37
CA GLY B 34 -6.78 -2.86 -18.19
C GLY B 34 -6.74 -2.08 -19.49
N SER B 35 -6.74 -0.75 -19.36
CA SER B 35 -6.62 0.14 -20.51
C SER B 35 -5.65 1.31 -20.27
N ALA B 36 -5.05 1.82 -21.35
CA ALA B 36 -4.12 2.95 -21.30
C ALA B 36 -4.24 3.82 -22.56
N ALA B 37 -4.29 5.14 -22.35
CA ALA B 37 -4.36 6.11 -23.45
C ALA B 37 -3.29 7.18 -23.26
N VAL B 38 -2.49 7.41 -24.31
CA VAL B 38 -1.43 8.43 -24.28
C VAL B 38 -1.66 9.51 -25.34
N LEU B 39 -1.94 10.72 -24.89
CA LEU B 39 -2.11 11.87 -25.76
C LEU B 39 -0.89 12.77 -25.83
N GLU B 40 -0.58 13.25 -27.03
CA GLU B 40 0.42 14.27 -27.24
C GLU B 40 -0.20 15.60 -26.81
N ILE B 41 0.50 16.35 -25.97
CA ILE B 41 -0.05 17.61 -25.44
C ILE B 41 -0.10 18.66 -26.56
N GLY B 42 -1.22 19.36 -26.66
CA GLY B 42 -1.36 20.47 -27.60
C GLY B 42 -1.88 20.14 -28.99
N THR B 43 -1.88 18.85 -29.36
CA THR B 43 -2.26 18.43 -30.70
C THR B 43 -3.43 17.47 -30.70
N GLY B 44 -3.65 16.78 -29.59
CA GLY B 44 -4.74 15.82 -29.48
C GLY B 44 -4.41 14.49 -30.11
N ARG B 45 -3.18 14.30 -30.56
CA ARG B 45 -2.82 13.08 -31.25
C ARG B 45 -2.56 11.92 -30.28
N LEU B 46 -3.10 10.74 -30.60
CA LEU B 46 -2.86 9.51 -29.81
C LEU B 46 -1.56 8.81 -30.14
N LEU B 47 -0.65 8.77 -29.17
CA LEU B 47 0.66 8.15 -29.37
C LEU B 47 0.66 6.67 -29.04
N ALA B 48 -0.29 6.28 -28.19
CA ALA B 48 -0.46 4.89 -27.79
C ALA B 48 -1.87 4.69 -27.27
N LEU B 49 -2.42 3.50 -27.48
CA LEU B 49 -3.74 3.18 -27.01
C LEU B 49 -3.86 1.67 -26.84
N ALA B 50 -4.09 1.25 -25.61
CA ALA B 50 -4.13 -0.16 -25.25
C ALA B 50 -5.43 -0.50 -24.52
N PRO B 51 -5.80 -1.81 -24.51
CA PRO B 51 -5.02 -2.94 -25.01
C PRO B 51 -4.97 -3.15 -26.53
N GLY B 52 -6.06 -2.79 -27.22
CA GLY B 52 -6.34 -3.35 -28.55
C GLY B 52 -7.71 -4.01 -28.42
N GLY B 53 -8.59 -3.75 -29.37
CA GLY B 53 -10.01 -4.02 -29.19
C GLY B 53 -10.68 -2.67 -29.03
N THR B 54 -11.85 -2.62 -28.41
CA THR B 54 -12.51 -1.32 -28.22
C THR B 54 -12.54 -0.88 -26.77
N ARG B 55 -11.85 -1.63 -25.91
CA ARG B 55 -11.90 -1.41 -24.45
C ARG B 55 -11.65 0.04 -24.06
N SER B 56 -10.56 0.62 -24.57
CA SER B 56 -10.17 2.01 -24.27
C SER B 56 -11.24 3.04 -24.57
N VAL B 57 -12.15 2.70 -25.49
CA VAL B 57 -13.21 3.60 -25.87
C VAL B 57 -14.62 3.14 -25.47
N SER B 58 -14.81 1.83 -25.29
CA SER B 58 -16.14 1.33 -24.95
C SER B 58 -16.37 1.05 -23.47
N ALA B 59 -15.32 0.59 -22.77
CA ALA B 59 -15.45 0.28 -21.35
C ALA B 59 -15.74 1.53 -20.52
N ILE B 60 -16.86 1.51 -19.80
CA ILE B 60 -17.17 2.58 -18.86
C ILE B 60 -17.08 2.09 -17.42
N TYR B 61 -16.68 3.00 -16.52
CA TYR B 61 -16.43 2.66 -15.13
C TYR B 61 -16.44 3.94 -14.32
N GLU B 62 -16.74 3.80 -13.03
CA GLU B 62 -16.58 4.93 -12.11
C GLU B 62 -15.08 5.14 -11.89
N PRO B 63 -14.59 6.38 -12.10
CA PRO B 63 -13.15 6.63 -12.09
C PRO B 63 -12.52 6.88 -10.71
N GLY B 64 -13.34 7.28 -9.73
CA GLY B 64 -12.84 7.57 -8.40
C GLY B 64 -12.08 8.87 -8.32
N SER B 65 -11.06 8.90 -7.45
CA SER B 65 -10.42 10.15 -7.02
C SER B 65 -9.75 10.97 -8.13
N VAL B 66 -9.53 10.37 -9.30
CA VAL B 66 -9.09 11.14 -10.48
C VAL B 66 -10.12 12.21 -10.88
N GLY B 67 -11.41 11.96 -10.59
CA GLY B 67 -12.47 12.95 -10.79
C GLY B 67 -12.36 14.18 -9.91
N LYS B 68 -11.62 14.08 -8.80
CA LYS B 68 -11.38 15.20 -7.89
C LYS B 68 -10.71 16.40 -8.55
N LEU B 69 -9.98 16.15 -9.64
CA LEU B 69 -9.36 17.23 -10.41
C LEU B 69 -10.43 18.15 -11.00
N VAL B 70 -11.55 17.57 -11.42
CA VAL B 70 -12.68 18.36 -11.94
C VAL B 70 -13.26 19.28 -10.87
N THR B 71 -13.56 18.71 -9.70
CA THR B 71 -14.03 19.45 -8.51
C THR B 71 -13.04 20.53 -8.06
N LEU B 72 -11.75 20.16 -8.06
CA LEU B 72 -10.68 21.10 -7.78
C LEU B 72 -10.69 22.26 -8.77
N ALA B 73 -10.64 21.94 -10.06
CA ALA B 73 -10.53 22.95 -11.12
C ALA B 73 -11.72 23.92 -11.11
N ALA B 74 -12.91 23.40 -10.83
CA ALA B 74 -14.11 24.23 -10.69
C ALA B 74 -13.94 25.30 -9.61
N ALA B 75 -13.60 24.86 -8.40
CA ALA B 75 -13.47 25.75 -7.24
C ALA B 75 -12.39 26.82 -7.39
N ILE B 76 -11.26 26.43 -8.00
CA ILE B 76 -10.16 27.36 -8.27
C ILE B 76 -10.54 28.35 -9.36
N ASP B 77 -11.24 27.86 -10.38
CA ASP B 77 -11.64 28.67 -11.52
C ASP B 77 -12.69 29.70 -11.11
N GLN B 78 -13.58 29.30 -10.21
CA GLN B 78 -14.60 30.20 -9.64
C GLN B 78 -14.01 31.15 -8.61
N LYS B 79 -12.72 30.99 -8.33
CA LYS B 79 -11.98 31.82 -7.39
C LYS B 79 -12.44 31.66 -5.93
N LYS B 80 -13.06 30.51 -5.64
CA LYS B 80 -13.60 30.26 -4.31
C LYS B 80 -12.60 29.64 -3.32
N VAL B 81 -11.46 29.21 -3.84
CA VAL B 81 -10.46 28.48 -3.08
C VAL B 81 -9.10 28.72 -3.74
N THR B 82 -8.04 28.80 -2.94
CA THR B 82 -6.66 28.82 -3.48
C THR B 82 -5.92 27.56 -2.99
N PRO B 83 -4.70 27.31 -3.52
CA PRO B 83 -3.94 26.11 -3.13
C PRO B 83 -3.57 26.07 -1.65
N THR B 84 -3.49 27.26 -1.03
CA THR B 84 -3.14 27.38 0.39
C THR B 84 -4.33 27.71 1.29
N SER B 85 -5.54 27.66 0.74
CA SER B 85 -6.74 27.69 1.59
C SER B 85 -6.70 26.43 2.46
N THR B 86 -7.12 26.56 3.72
CA THR B 86 -7.09 25.42 4.63
C THR B 86 -8.51 24.96 4.98
N PHE B 87 -8.64 23.64 5.16
CA PHE B 87 -9.88 23.03 5.60
C PHE B 87 -9.54 21.92 6.59
N THR B 88 -10.48 21.61 7.47
CA THR B 88 -10.28 20.57 8.47
C THR B 88 -10.53 19.19 7.89
N VAL B 89 -9.52 18.35 8.03
CA VAL B 89 -9.54 17.00 7.51
C VAL B 89 -9.65 16.03 8.68
N SER B 90 -10.40 14.95 8.51
CA SER B 90 -10.66 14.00 9.59
C SER B 90 -11.12 12.63 9.08
N SER B 91 -11.14 11.65 9.97
CA SER B 91 -11.57 10.28 9.64
C SER B 91 -12.98 10.22 9.06
N THR B 92 -13.88 11.03 9.61
CA THR B 92 -15.24 11.16 9.09
C THR B 92 -15.68 12.60 9.28
N ARG B 93 -16.64 13.04 8.47
CA ARG B 93 -17.24 14.35 8.62
C ARG B 93 -18.72 14.31 8.25
N ASP B 94 -19.56 14.81 9.15
CA ASP B 94 -20.99 14.91 8.92
C ASP B 94 -21.28 16.26 8.29
N MET B 95 -22.03 16.23 7.19
CA MET B 95 -22.24 17.40 6.38
C MET B 95 -23.54 18.10 6.75
N PRO B 96 -23.76 19.33 6.24
CA PRO B 96 -25.00 20.05 6.49
C PRO B 96 -26.22 19.32 5.94
N ASN B 97 -26.09 18.71 4.76
CA ASN B 97 -27.20 18.00 4.13
C ASN B 97 -27.57 16.67 4.80
N GLY B 98 -26.82 16.30 5.83
CA GLY B 98 -27.09 15.07 6.58
C GLY B 98 -26.26 13.86 6.17
N GLU B 99 -25.43 14.02 5.14
CA GLU B 99 -24.55 12.94 4.69
C GLU B 99 -23.27 12.87 5.52
N ARG B 100 -22.74 11.65 5.69
CA ARG B 100 -21.50 11.44 6.41
C ARG B 100 -20.39 10.95 5.49
N ILE B 101 -19.36 11.77 5.36
CA ILE B 101 -18.22 11.48 4.49
C ILE B 101 -17.04 10.96 5.31
N SER B 102 -16.54 9.80 4.94
CA SER B 102 -15.37 9.23 5.60
C SER B 102 -14.18 9.11 4.66
N ASP B 103 -12.97 9.19 5.22
CA ASP B 103 -11.77 9.01 4.43
C ASP B 103 -11.41 7.53 4.29
N ASP B 104 -10.45 7.21 3.42
CA ASP B 104 -10.11 5.81 3.12
C ASP B 104 -9.77 4.97 4.38
N SER B 105 -8.96 5.55 5.25
CA SER B 105 -8.65 4.94 6.53
C SER B 105 -8.55 6.05 7.58
N PRO B 106 -8.78 5.71 8.87
CA PRO B 106 -8.73 6.71 9.95
C PRO B 106 -7.38 7.41 10.06
N HIS B 107 -7.40 8.67 10.49
CA HIS B 107 -6.21 9.49 10.65
C HIS B 107 -6.51 10.70 11.50
N GLU B 108 -5.46 11.29 12.08
CA GLU B 108 -5.59 12.45 12.97
C GLU B 108 -6.31 13.64 12.33
N THR B 109 -7.30 14.16 13.05
CA THR B 109 -7.98 15.37 12.62
C THR B 109 -6.98 16.53 12.59
N GLN B 110 -6.94 17.26 11.47
CA GLN B 110 -6.01 18.39 11.32
C GLN B 110 -6.44 19.40 10.24
N ASP B 111 -5.87 20.61 10.31
CA ASP B 111 -6.06 21.60 9.26
C ASP B 111 -5.06 21.38 8.14
N MET B 112 -5.55 21.44 6.90
CA MET B 112 -4.72 21.17 5.74
C MET B 112 -5.07 22.07 4.57
N THR B 113 -4.05 22.50 3.85
CA THR B 113 -4.23 23.27 2.64
C THR B 113 -4.91 22.41 1.58
N VAL B 114 -5.56 23.08 0.62
CA VAL B 114 -6.13 22.46 -0.58
C VAL B 114 -5.08 21.58 -1.28
N ALA B 115 -3.87 22.11 -1.43
CA ALA B 115 -2.76 21.35 -2.00
C ALA B 115 -2.55 20.01 -1.30
N GLY B 116 -2.55 20.03 0.03
CA GLY B 116 -2.33 18.82 0.81
C GLY B 116 -3.47 17.81 0.71
N ILE B 117 -4.69 18.33 0.70
CA ILE B 117 -5.90 17.54 0.59
C ILE B 117 -5.90 16.69 -0.69
N ILE B 118 -5.52 17.34 -1.79
CA ILE B 118 -5.45 16.66 -3.07
C ILE B 118 -4.30 15.66 -3.14
N ALA B 119 -3.15 16.00 -2.58
CA ALA B 119 -1.98 15.11 -2.62
C ALA B 119 -2.14 13.86 -1.75
N HIS B 120 -2.90 14.01 -0.66
CA HIS B 120 -3.24 12.91 0.25
C HIS B 120 -4.53 12.24 -0.15
N SER B 121 -5.27 12.87 -1.05
CA SER B 121 -6.59 12.41 -1.48
C SER B 121 -7.55 12.20 -0.29
N TYR B 122 -7.79 13.28 0.46
CA TYR B 122 -8.72 13.27 1.60
C TYR B 122 -10.14 13.70 1.21
N ASN B 123 -11.08 12.76 1.26
CA ASN B 123 -12.50 13.03 0.97
C ASN B 123 -13.10 14.12 1.83
N THR B 124 -12.86 14.06 3.13
CA THR B 124 -13.44 15.02 4.09
C THR B 124 -12.97 16.45 3.84
N GLY B 125 -11.81 16.60 3.19
CA GLY B 125 -11.34 17.91 2.76
C GLY B 125 -11.90 18.30 1.39
N THR B 126 -11.97 17.34 0.47
CA THR B 126 -12.44 17.64 -0.90
C THR B 126 -13.96 17.95 -0.98
N VAL B 127 -14.76 17.32 -0.14
CA VAL B 127 -16.20 17.65 -0.07
C VAL B 127 -16.47 19.08 0.42
N GLN B 128 -15.48 19.69 1.08
CA GLN B 128 -15.59 21.07 1.53
C GLN B 128 -15.13 22.05 0.45
N ILE B 129 -14.13 21.64 -0.32
CA ILE B 129 -13.74 22.35 -1.53
C ILE B 129 -14.91 22.31 -2.52
N GLY B 130 -15.50 21.14 -2.69
CA GLY B 130 -16.63 20.98 -3.59
C GLY B 130 -17.80 21.87 -3.22
N ASP B 131 -18.09 21.97 -1.92
CA ASP B 131 -19.21 22.78 -1.43
C ASP B 131 -19.03 24.29 -1.57
N THR B 132 -17.84 24.75 -1.94
CA THR B 132 -17.64 26.18 -2.20
C THR B 132 -18.33 26.61 -3.51
N VAL B 133 -18.67 25.63 -4.34
CA VAL B 133 -19.27 25.88 -5.64
C VAL B 133 -20.62 25.16 -5.75
N SER B 134 -21.58 25.80 -6.41
CA SER B 134 -22.92 25.23 -6.61
C SER B 134 -22.89 24.02 -7.55
N ASP B 135 -23.94 23.21 -7.49
CA ASP B 135 -24.03 21.97 -8.25
C ASP B 135 -24.23 22.11 -9.75
N SER B 136 -24.85 23.21 -10.16
CA SER B 136 -25.02 23.50 -11.57
C SER B 136 -23.67 23.84 -12.20
N VAL B 137 -22.89 24.66 -11.49
CA VAL B 137 -21.57 25.08 -11.96
C VAL B 137 -20.59 23.90 -12.08
N ARG B 138 -20.60 22.99 -11.10
CA ARG B 138 -19.76 21.79 -11.17
C ARG B 138 -20.14 20.93 -12.37
N TYR B 139 -21.45 20.83 -12.60
CA TYR B 139 -21.99 20.03 -13.70
C TYR B 139 -21.54 20.60 -15.05
N GLU B 140 -21.58 21.92 -15.19
CA GLU B 140 -21.05 22.60 -16.37
C GLU B 140 -19.58 22.23 -16.63
N TYR B 141 -18.75 22.38 -15.61
CA TYR B 141 -17.33 22.04 -15.74
C TYR B 141 -17.15 20.58 -16.11
N MET B 142 -17.89 19.70 -15.45
CA MET B 142 -17.89 18.27 -15.78
C MET B 142 -18.16 18.02 -17.27
N GLN B 143 -19.15 18.74 -17.79
CA GLN B 143 -19.50 18.69 -19.21
C GLN B 143 -18.38 19.23 -20.09
N LYS B 144 -17.91 20.42 -19.77
CA LYS B 144 -16.78 21.04 -20.49
C LYS B 144 -15.55 20.15 -20.51
N PHE B 145 -15.34 19.38 -19.45
CA PHE B 145 -14.20 18.45 -19.37
C PHE B 145 -14.40 17.20 -20.22
N GLY B 146 -15.60 17.04 -20.79
CA GLY B 146 -15.88 16.01 -21.79
C GLY B 146 -16.60 14.78 -21.29
N TRP B 147 -17.18 14.88 -20.10
CA TRP B 147 -17.88 13.77 -19.47
C TRP B 147 -19.29 13.65 -19.97
N GLY B 148 -19.77 12.40 -20.10
CA GLY B 148 -21.10 12.13 -20.64
C GLY B 148 -21.27 12.41 -22.13
N ALA B 149 -20.17 12.32 -22.89
CA ALA B 149 -20.16 12.62 -24.31
C ALA B 149 -19.02 11.92 -24.99
N LYS B 150 -19.26 11.35 -26.16
CA LYS B 150 -18.18 10.70 -26.92
C LYS B 150 -17.07 11.71 -27.24
N THR B 151 -15.83 11.22 -27.31
CA THR B 151 -14.71 12.10 -27.67
C THR B 151 -14.75 12.40 -29.17
N GLY B 152 -15.41 11.53 -29.93
CA GLY B 152 -15.55 11.71 -31.36
C GLY B 152 -14.45 11.03 -32.14
N ILE B 153 -13.49 10.42 -31.44
CA ILE B 153 -12.38 9.73 -32.10
C ILE B 153 -12.91 8.70 -33.12
N THR B 154 -12.14 8.47 -34.18
CA THR B 154 -12.56 7.58 -35.26
C THR B 154 -12.15 6.14 -34.94
N LEU B 155 -12.86 5.58 -33.96
CA LEU B 155 -12.72 4.16 -33.62
C LEU B 155 -14.11 3.57 -33.40
N PRO B 156 -14.27 2.27 -33.70
CA PRO B 156 -15.55 1.60 -33.47
C PRO B 156 -15.94 1.58 -32.00
N SER B 157 -17.24 1.74 -31.74
CA SER B 157 -17.85 1.39 -30.45
C SER B 157 -17.66 2.37 -29.31
N GLU B 158 -17.20 3.58 -29.60
CA GLU B 158 -17.00 4.57 -28.55
C GLU B 158 -18.27 4.76 -27.71
N GLU B 159 -18.06 4.87 -26.40
CA GLU B 159 -19.15 5.04 -25.46
C GLU B 159 -19.15 6.46 -24.92
N SER B 160 -20.32 6.98 -24.56
CA SER B 160 -20.40 8.34 -24.04
C SER B 160 -20.19 8.44 -22.51
N GLY B 161 -20.32 7.29 -21.82
CA GLY B 161 -20.28 7.25 -20.37
C GLY B 161 -21.54 7.83 -19.76
N ILE B 162 -21.63 7.81 -18.44
CA ILE B 162 -22.81 8.33 -17.76
C ILE B 162 -22.50 9.61 -17.01
N LEU B 163 -23.32 10.62 -17.25
CA LEU B 163 -23.33 11.83 -16.44
C LEU B 163 -24.78 12.26 -16.29
N ARG B 164 -25.39 11.88 -15.16
CA ARG B 164 -26.76 12.28 -14.86
C ARG B 164 -26.81 13.80 -14.65
N PRO B 165 -27.92 14.43 -15.06
CA PRO B 165 -28.10 15.86 -14.79
C PRO B 165 -28.09 16.15 -13.30
N HIS B 166 -27.57 17.33 -12.93
CA HIS B 166 -27.36 17.68 -11.55
C HIS B 166 -28.63 17.82 -10.75
N THR B 167 -29.73 18.16 -11.43
CA THR B 167 -31.05 18.28 -10.79
C THR B 167 -31.55 16.90 -10.35
N GLU B 168 -30.98 15.87 -10.96
CA GLU B 168 -31.35 14.49 -10.71
C GLU B 168 -30.55 13.87 -9.55
N TRP B 169 -29.63 14.65 -8.98
CA TRP B 169 -28.73 14.14 -7.93
C TRP B 169 -29.36 14.07 -6.57
N GLY B 170 -29.11 12.97 -5.88
CA GLY B 170 -29.53 12.80 -4.48
C GLY B 170 -28.64 13.59 -3.52
N ASP B 171 -28.72 13.26 -2.24
CA ASP B 171 -27.87 13.88 -1.22
C ASP B 171 -26.47 13.25 -1.20
N ARG B 172 -26.40 11.94 -1.42
CA ARG B 172 -25.14 11.22 -1.56
C ARG B 172 -24.41 11.66 -2.83
N ASP B 173 -25.14 11.67 -3.94
CA ASP B 173 -24.61 12.05 -5.25
C ASP B 173 -23.95 13.43 -5.23
N HIS B 174 -24.59 14.38 -4.54
CA HIS B 174 -24.03 15.70 -4.35
C HIS B 174 -22.56 15.66 -3.96
N TYR B 175 -22.23 14.68 -3.12
CA TYR B 175 -20.88 14.52 -2.64
C TYR B 175 -20.06 13.49 -3.44
N THR B 176 -20.62 12.31 -3.66
CA THR B 176 -19.88 11.26 -4.39
C THR B 176 -19.37 11.75 -5.76
N THR B 177 -20.16 12.57 -6.45
CA THR B 177 -19.76 13.08 -7.77
C THR B 177 -18.53 13.98 -7.67
N MET B 178 -18.22 14.45 -6.47
CA MET B 178 -17.00 15.24 -6.22
C MET B 178 -15.73 14.37 -6.26
N PHE B 179 -15.88 13.08 -5.98
CA PHE B 179 -14.72 12.20 -6.05
C PHE B 179 -14.88 11.01 -6.99
N GLY B 180 -15.46 11.28 -8.15
CA GLY B 180 -15.52 10.31 -9.26
C GLY B 180 -16.39 9.10 -8.98
N GLN B 181 -17.47 9.32 -8.25
CA GLN B 181 -18.32 8.23 -7.84
C GLN B 181 -19.77 8.59 -8.15
N GLY B 182 -20.49 7.66 -8.76
CA GLY B 182 -21.84 7.94 -9.27
C GLY B 182 -21.76 8.66 -10.61
N VAL B 183 -20.65 8.45 -11.31
CA VAL B 183 -20.40 8.98 -12.63
C VAL B 183 -19.60 7.89 -13.33
N ALA B 184 -19.77 7.74 -14.64
CA ALA B 184 -19.00 6.75 -15.40
C ALA B 184 -18.31 7.39 -16.59
N VAL B 185 -17.09 6.94 -16.88
CA VAL B 185 -16.26 7.52 -17.93
C VAL B 185 -15.53 6.41 -18.64
N THR B 186 -14.92 6.74 -19.78
CA THR B 186 -14.02 5.81 -20.48
C THR B 186 -12.59 6.30 -20.28
N THR B 187 -11.64 5.42 -20.61
CA THR B 187 -10.22 5.73 -20.53
C THR B 187 -9.81 6.94 -21.38
N ILE B 188 -10.33 7.04 -22.60
CA ILE B 188 -10.01 8.14 -23.51
C ILE B 188 -10.56 9.46 -22.97
N GLN B 189 -11.71 9.41 -22.31
CA GLN B 189 -12.27 10.59 -21.68
C GLN B 189 -11.34 11.10 -20.57
N LEU B 190 -10.75 10.17 -19.80
CA LEU B 190 -9.81 10.51 -18.74
C LEU B 190 -8.53 11.17 -19.25
N ALA B 191 -7.96 10.62 -20.32
CA ALA B 191 -6.76 11.18 -20.92
C ALA B 191 -7.03 12.57 -21.51
N GLN B 192 -8.19 12.72 -22.14
CA GLN B 192 -8.62 13.99 -22.71
C GLN B 192 -8.85 15.03 -21.61
N MET B 193 -9.35 14.56 -20.47
CA MET B 193 -9.62 15.41 -19.32
C MET B 193 -8.34 15.97 -18.71
N VAL B 194 -7.38 15.10 -18.43
CA VAL B 194 -6.15 15.50 -17.73
C VAL B 194 -5.28 16.41 -18.61
N ALA B 195 -5.36 16.22 -19.93
CA ALA B 195 -4.58 17.01 -20.90
C ALA B 195 -4.88 18.49 -20.79
N VAL B 196 -6.13 18.82 -20.46
CA VAL B 196 -6.54 20.21 -20.22
C VAL B 196 -5.50 21.01 -19.41
N PHE B 197 -4.99 20.40 -18.34
CA PHE B 197 -4.12 21.08 -17.40
C PHE B 197 -2.73 21.31 -17.94
N GLY B 198 -2.35 20.56 -18.97
CA GLY B 198 -1.11 20.80 -19.69
C GLY B 198 -1.30 21.64 -20.95
N GLN B 199 -2.53 22.08 -21.19
CA GLN B 199 -2.87 22.79 -22.43
C GLN B 199 -3.46 24.17 -22.16
N LYS B 200 -2.91 24.84 -21.14
CA LYS B 200 -3.38 26.15 -20.68
C LYS B 200 -4.90 26.26 -20.54
N GLY B 201 -5.55 25.13 -20.22
CA GLY B 201 -6.97 25.13 -19.89
C GLY B 201 -7.89 24.72 -21.02
N VAL B 202 -7.30 24.21 -22.10
CA VAL B 202 -8.03 23.90 -23.32
C VAL B 202 -8.17 22.39 -23.54
N LEU B 203 -9.38 21.95 -23.87
CA LEU B 203 -9.65 20.58 -24.30
C LEU B 203 -9.55 20.44 -25.82
N ILE B 204 -8.76 19.47 -26.28
CA ILE B 204 -8.57 19.20 -27.69
C ILE B 204 -9.07 17.80 -27.97
N PRO B 205 -10.07 17.67 -28.88
CA PRO B 205 -10.59 16.34 -29.20
C PRO B 205 -9.49 15.43 -29.70
N PRO B 206 -9.44 14.19 -29.20
CA PRO B 206 -8.39 13.27 -29.59
C PRO B 206 -8.59 12.71 -30.99
N ARG B 207 -7.51 12.31 -31.64
CA ARG B 207 -7.60 11.68 -32.94
C ARG B 207 -6.51 10.64 -33.15
N ILE B 208 -6.88 9.55 -33.81
CA ILE B 208 -5.93 8.46 -34.10
C ILE B 208 -5.48 8.50 -35.56
N ILE B 209 -6.24 9.21 -36.40
CA ILE B 209 -5.94 9.31 -37.84
C ILE B 209 -4.99 10.47 -38.10
N ASP B 210 -3.78 10.13 -38.53
CA ASP B 210 -2.73 11.12 -38.81
C ASP B 210 -2.90 11.75 -40.20
N GLY B 211 -3.11 10.91 -41.21
CA GLY B 211 -3.37 11.38 -42.57
C GLY B 211 -3.78 10.25 -43.50
N TYR B 212 -4.32 10.62 -44.67
CA TYR B 212 -4.76 9.66 -45.68
C TYR B 212 -4.60 10.19 -47.10
N TYR B 219 -1.35 11.97 -50.26
CA TYR B 219 -1.40 11.96 -48.80
C TYR B 219 -1.73 13.34 -48.24
N THR B 220 -2.63 13.37 -47.27
CA THR B 220 -2.99 14.63 -46.61
C THR B 220 -3.17 14.44 -45.09
N PRO B 221 -2.26 15.05 -44.28
CA PRO B 221 -2.38 15.04 -42.81
C PRO B 221 -3.72 15.59 -42.31
N THR B 222 -4.22 14.99 -41.23
CA THR B 222 -5.59 15.20 -40.77
C THR B 222 -5.90 16.51 -40.04
N VAL B 223 -7.20 16.85 -40.03
CA VAL B 223 -7.76 18.01 -39.34
C VAL B 223 -7.69 17.85 -37.82
N MET B 224 -7.05 18.79 -37.12
CA MET B 224 -7.17 18.85 -35.66
C MET B 224 -8.54 19.40 -35.27
N GLY B 225 -9.27 18.64 -34.47
CA GLY B 225 -10.64 18.98 -34.06
C GLY B 225 -10.77 20.30 -33.31
N GLU B 226 -11.99 20.83 -33.29
CA GLU B 226 -12.28 22.09 -32.61
C GLU B 226 -12.10 21.96 -31.09
N SER B 227 -11.24 22.82 -30.55
CA SER B 227 -10.96 22.84 -29.12
C SER B 227 -11.92 23.75 -28.36
N ARG B 228 -11.87 23.70 -27.02
CA ARG B 228 -12.67 24.62 -26.18
C ARG B 228 -11.99 25.00 -24.86
N GLN B 229 -12.28 26.20 -24.38
CA GLN B 229 -11.73 26.69 -23.12
C GLN B 229 -12.52 26.08 -21.96
N VAL B 230 -11.83 25.33 -21.10
CA VAL B 230 -12.48 24.67 -19.96
C VAL B 230 -12.26 25.48 -18.68
N VAL B 231 -11.00 25.81 -18.42
CA VAL B 231 -10.61 26.68 -17.30
C VAL B 231 -9.59 27.71 -17.82
N SER B 232 -9.32 28.74 -17.02
CA SER B 232 -8.33 29.74 -17.38
C SER B 232 -6.91 29.15 -17.41
N GLU B 233 -6.02 29.81 -18.14
CA GLU B 233 -4.61 29.42 -18.16
C GLU B 233 -4.02 29.32 -16.75
N ASP B 234 -4.45 30.22 -15.86
CA ASP B 234 -3.97 30.27 -14.48
C ASP B 234 -4.46 29.10 -13.63
N THR B 235 -5.76 28.84 -13.70
CA THR B 235 -6.35 27.66 -13.08
C THR B 235 -5.61 26.42 -13.53
N ALA B 236 -5.34 26.34 -14.83
CA ALA B 236 -4.64 25.21 -15.41
C ALA B 236 -3.27 25.07 -14.78
N GLN B 237 -2.55 26.19 -14.67
CA GLN B 237 -1.21 26.18 -14.07
C GLN B 237 -1.21 25.78 -12.60
N THR B 238 -2.19 26.29 -11.84
CA THR B 238 -2.22 26.00 -10.42
C THR B 238 -2.64 24.54 -10.15
N VAL B 239 -3.53 23.98 -10.98
CA VAL B 239 -3.85 22.55 -10.86
C VAL B 239 -2.64 21.69 -11.23
N LEU B 240 -1.91 22.10 -12.26
CA LEU B 240 -0.69 21.44 -12.65
C LEU B 240 0.36 21.47 -11.53
N ASN B 241 0.44 22.61 -10.83
CA ASN B 241 1.29 22.75 -9.65
C ASN B 241 0.87 21.80 -8.53
N ILE B 242 -0.43 21.78 -8.24
CA ILE B 242 -1.00 20.94 -7.18
C ILE B 242 -0.75 19.44 -7.40
N MET B 243 -0.88 19.01 -8.66
CA MET B 243 -0.76 17.61 -9.05
C MET B 243 0.65 17.09 -8.83
N GLN B 244 1.62 18.00 -8.81
CA GLN B 244 3.01 17.64 -8.49
C GLN B 244 3.20 17.21 -7.02
N GLY B 245 2.20 17.47 -6.19
CA GLY B 245 2.20 17.01 -4.81
C GLY B 245 2.08 15.50 -4.66
N ALA B 246 1.52 14.84 -5.68
CA ALA B 246 1.27 13.39 -5.62
C ALA B 246 2.55 12.59 -5.49
N THR B 247 3.63 13.11 -6.07
CA THR B 247 4.90 12.39 -6.02
C THR B 247 5.85 12.90 -4.92
N GLN B 248 5.42 13.94 -4.21
CA GLN B 248 6.13 14.44 -3.04
C GLN B 248 6.01 13.45 -1.88
N PRO B 249 6.91 13.53 -0.87
CA PRO B 249 6.81 12.72 0.35
C PRO B 249 5.43 12.82 1.03
N GLY B 250 4.78 11.67 1.21
CA GLY B 250 3.42 11.62 1.73
C GLY B 250 2.31 11.65 0.69
N GLY B 251 2.65 12.01 -0.55
CA GLY B 251 1.69 11.98 -1.65
C GLY B 251 1.27 10.57 -2.00
N THR B 252 0.05 10.41 -2.52
CA THR B 252 -0.53 9.10 -2.85
C THR B 252 0.21 8.33 -3.96
N ALA B 253 1.05 9.03 -4.72
CA ALA B 253 1.78 8.40 -5.82
C ALA B 253 3.28 8.39 -5.58
N GLU B 254 3.69 8.70 -4.35
CA GLU B 254 5.12 8.77 -4.02
C GLU B 254 5.88 7.48 -4.31
N GLY B 255 7.02 7.63 -4.98
CA GLY B 255 7.94 6.54 -5.26
C GLY B 255 7.47 5.68 -6.41
N ILE B 256 6.29 5.09 -6.24
CA ILE B 256 5.70 4.18 -7.21
C ILE B 256 5.32 4.87 -8.54
N GLY B 257 5.00 6.16 -8.47
CA GLY B 257 4.61 6.93 -9.64
C GLY B 257 5.74 7.81 -10.20
N ALA B 258 6.92 7.72 -9.59
CA ALA B 258 8.07 8.52 -10.00
C ALA B 258 8.71 8.04 -11.31
N VAL B 259 9.18 9.00 -12.11
CA VAL B 259 9.91 8.70 -13.34
C VAL B 259 11.30 9.35 -13.31
N LYS B 260 12.33 8.52 -13.21
CA LYS B 260 13.68 9.02 -12.94
C LYS B 260 14.13 10.10 -13.94
N GLY B 261 14.44 11.28 -13.41
CA GLY B 261 14.90 12.41 -14.22
C GLY B 261 13.83 13.39 -14.64
N TYR B 262 12.56 13.09 -14.31
CA TYR B 262 11.43 13.90 -14.76
C TYR B 262 10.43 14.20 -13.66
N ASN B 263 10.01 15.46 -13.57
CA ASN B 263 8.91 15.81 -12.69
C ASN B 263 7.58 15.28 -13.22
N VAL B 264 6.80 14.67 -12.33
CA VAL B 264 5.51 14.06 -12.64
C VAL B 264 4.41 14.80 -11.89
N ALA B 265 3.36 15.17 -12.60
CA ALA B 265 2.12 15.64 -12.01
C ALA B 265 1.12 14.51 -12.19
N ALA B 266 0.44 14.09 -11.13
CA ALA B 266 -0.42 12.92 -11.25
C ALA B 266 -1.58 12.92 -10.26
N LYS B 267 -2.55 12.04 -10.51
CA LYS B 267 -3.63 11.82 -9.57
C LYS B 267 -4.02 10.36 -9.65
N THR B 268 -4.21 9.76 -8.48
CA THR B 268 -4.58 8.35 -8.36
C THR B 268 -6.05 8.24 -7.98
N GLY B 269 -6.63 7.07 -8.21
CA GLY B 269 -8.00 6.81 -7.82
C GLY B 269 -8.18 5.33 -7.56
N THR B 270 -9.12 5.00 -6.67
CA THR B 270 -9.52 3.63 -6.41
C THR B 270 -11.03 3.71 -6.30
N ALA B 271 -11.74 3.18 -7.29
CA ALA B 271 -13.19 3.35 -7.36
C ALA B 271 -13.97 2.06 -7.22
N GLU B 272 -15.02 2.12 -6.41
CA GLU B 272 -15.97 1.01 -6.26
C GLU B 272 -16.84 0.92 -7.51
N ASN B 273 -16.97 -0.29 -8.03
CA ASN B 273 -17.73 -0.55 -9.25
C ASN B 273 -18.63 -1.77 -9.14
N VAL B 274 -19.64 -1.88 -10.01
CA VAL B 274 -20.65 -2.94 -9.91
C VAL B 274 -20.26 -4.28 -10.56
N GLY B 275 -20.00 -4.27 -11.88
CA GLY B 275 -19.60 -5.48 -12.62
C GLY B 275 -20.74 -6.47 -12.89
N SER B 276 -20.36 -7.71 -13.24
CA SER B 276 -21.32 -8.75 -13.66
C SER B 276 -22.19 -9.31 -12.52
N SER B 277 -21.82 -8.99 -11.27
CA SER B 277 -22.59 -9.43 -10.11
C SER B 277 -23.90 -8.65 -9.98
N GLY B 278 -23.83 -7.45 -9.39
CA GLY B 278 -25.01 -6.62 -9.18
C GLY B 278 -24.85 -5.65 -8.02
N SER B 279 -23.82 -5.90 -7.20
CA SER B 279 -23.47 -5.02 -6.08
C SER B 279 -22.01 -4.55 -6.20
N LEU B 280 -21.68 -3.51 -5.44
CA LEU B 280 -20.35 -2.86 -5.50
C LEU B 280 -19.20 -3.79 -5.06
N THR B 281 -18.99 -4.85 -5.83
CA THR B 281 -17.97 -5.86 -5.54
C THR B 281 -16.64 -5.60 -6.26
N ASP B 282 -16.67 -4.73 -7.27
CA ASP B 282 -15.50 -4.49 -8.13
C ASP B 282 -14.76 -3.20 -7.85
N THR B 283 -13.52 -3.12 -8.31
CA THR B 283 -12.77 -1.86 -8.28
C THR B 283 -12.09 -1.50 -9.60
N ALA B 284 -11.97 -0.20 -9.83
CA ALA B 284 -11.19 0.35 -10.93
C ALA B 284 -10.04 1.13 -10.31
N ALA B 285 -8.82 0.69 -10.62
CA ALA B 285 -7.59 1.38 -10.21
C ALA B 285 -7.18 2.40 -11.27
N THR B 286 -7.45 3.68 -11.03
CA THR B 286 -7.21 4.70 -12.04
C THR B 286 -5.93 5.54 -11.79
N PHE B 287 -5.36 6.07 -12.87
CA PHE B 287 -4.18 6.91 -12.80
C PHE B 287 -4.19 7.92 -13.94
N THR B 288 -4.06 9.21 -13.64
CA THR B 288 -3.95 10.26 -14.66
C THR B 288 -2.72 11.15 -14.44
N ALA B 289 -1.89 11.32 -15.46
CA ALA B 289 -0.63 12.02 -15.27
C ALA B 289 -0.19 12.91 -16.44
N LEU B 290 0.65 13.90 -16.12
CA LEU B 290 1.28 14.78 -17.10
C LEU B 290 2.79 14.82 -16.86
N ILE B 291 3.57 14.72 -17.92
CA ILE B 291 5.01 14.67 -17.82
C ILE B 291 5.64 15.29 -19.08
N PRO B 292 6.73 16.09 -18.92
CA PRO B 292 7.29 16.60 -17.67
C PRO B 292 6.35 17.62 -17.07
N ALA B 293 6.20 17.64 -15.75
CA ALA B 293 5.18 18.50 -15.12
C ALA B 293 5.37 19.99 -15.40
N GLU B 294 6.62 20.45 -15.50
CA GLU B 294 6.91 21.88 -15.71
C GLU B 294 6.55 22.34 -17.12
N ASN B 295 6.59 21.42 -18.07
CA ASN B 295 6.23 21.69 -19.45
C ASN B 295 5.76 20.41 -20.13
N PRO B 296 4.48 20.03 -19.89
CA PRO B 296 4.02 18.67 -20.21
C PRO B 296 4.05 18.33 -21.69
N LYS B 297 4.52 17.14 -22.01
CA LYS B 297 4.59 16.66 -23.39
C LYS B 297 3.52 15.61 -23.69
N ILE B 298 3.23 14.75 -22.71
CA ILE B 298 2.20 13.73 -22.86
C ILE B 298 1.23 13.74 -21.68
N ALA B 299 0.01 13.31 -21.95
CA ALA B 299 -0.99 13.05 -20.93
C ALA B 299 -1.25 11.56 -20.98
N VAL B 300 -1.28 10.94 -19.81
CA VAL B 300 -1.52 9.50 -19.73
C VAL B 300 -2.69 9.21 -18.79
N ALA B 301 -3.56 8.30 -19.22
CA ALA B 301 -4.55 7.71 -18.34
C ALA B 301 -4.38 6.19 -18.35
N VAL B 302 -4.43 5.59 -17.17
CA VAL B 302 -4.36 4.13 -17.02
C VAL B 302 -5.51 3.67 -16.11
N VAL B 303 -6.10 2.52 -16.44
CA VAL B 303 -7.09 1.90 -15.58
C VAL B 303 -6.84 0.40 -15.54
N ILE B 304 -6.98 -0.19 -14.35
CA ILE B 304 -7.00 -1.64 -14.19
C ILE B 304 -8.24 -2.03 -13.41
N TYR B 305 -8.95 -3.05 -13.92
CA TYR B 305 -10.24 -3.47 -13.39
C TYR B 305 -10.14 -4.83 -12.70
N LYS B 306 -10.64 -4.89 -11.47
CA LYS B 306 -10.61 -6.14 -10.73
C LYS B 306 -12.01 -6.60 -10.33
N GLU B 307 -12.26 -7.89 -10.53
CA GLU B 307 -13.50 -8.53 -10.13
C GLU B 307 -13.43 -8.95 -8.67
N ASN B 308 -14.48 -8.63 -7.92
CA ASN B 308 -14.63 -9.07 -6.54
C ASN B 308 -13.35 -8.96 -5.73
N GLY B 309 -12.73 -7.78 -5.78
CA GLY B 309 -11.45 -7.52 -5.12
C GLY B 309 -11.10 -6.07 -5.30
N THR B 310 -10.26 -5.55 -4.41
CA THR B 310 -9.86 -4.15 -4.50
C THR B 310 -8.49 -4.04 -5.15
N VAL B 311 -8.29 -2.92 -5.84
CA VAL B 311 -7.04 -2.66 -6.54
C VAL B 311 -6.82 -1.13 -6.52
N TYR B 312 -5.57 -0.72 -6.30
CA TYR B 312 -5.28 0.69 -6.06
C TYR B 312 -4.61 1.37 -7.24
N GLY B 313 -5.03 2.61 -7.50
CA GLY B 313 -4.44 3.43 -8.55
C GLY B 313 -2.92 3.46 -8.47
N SER B 314 -2.40 3.68 -7.24
CA SER B 314 -0.97 3.76 -6.98
C SER B 314 -0.26 2.48 -7.40
N THR B 315 -0.66 1.35 -6.82
CA THR B 315 0.18 0.15 -6.89
C THR B 315 -0.07 -0.69 -8.13
N ALA B 316 -1.30 -0.65 -8.64
CA ALA B 316 -1.65 -1.35 -9.86
C ALA B 316 -1.31 -0.53 -11.12
N SER B 317 -1.84 0.70 -11.20
CA SER B 317 -1.78 1.51 -12.43
C SER B 317 -0.52 2.36 -12.62
N ALA B 318 0.07 2.84 -11.53
CA ALA B 318 1.22 3.73 -11.63
C ALA B 318 2.45 3.09 -12.28
N PRO B 319 2.71 1.80 -12.00
CA PRO B 319 3.84 1.15 -12.69
C PRO B 319 3.70 1.08 -14.22
N VAL B 320 2.47 1.14 -14.73
CA VAL B 320 2.20 1.16 -16.17
C VAL B 320 2.56 2.55 -16.71
N PHE B 321 2.08 3.59 -16.02
CA PHE B 321 2.47 4.95 -16.34
C PHE B 321 3.97 5.09 -16.42
N VAL B 322 4.69 4.52 -15.44
CA VAL B 322 6.15 4.65 -15.32
C VAL B 322 6.91 4.02 -16.51
N ASP B 323 6.48 2.83 -16.93
CA ASP B 323 7.05 2.17 -18.11
C ASP B 323 6.82 2.99 -19.38
N ILE B 324 5.59 3.46 -19.54
CA ILE B 324 5.22 4.30 -20.68
C ILE B 324 6.03 5.62 -20.70
N ALA B 325 5.92 6.39 -19.61
CA ALA B 325 6.64 7.65 -19.48
C ALA B 325 8.16 7.54 -19.65
N GLN B 326 8.80 6.58 -18.98
CA GLN B 326 10.23 6.36 -19.18
C GLN B 326 10.58 6.26 -20.67
N PHE B 327 9.85 5.41 -21.40
CA PHE B 327 10.11 5.16 -22.82
C PHE B 327 9.78 6.39 -23.66
N ALA B 328 8.60 6.97 -23.43
CA ALA B 328 8.17 8.17 -24.13
C ALA B 328 9.21 9.30 -24.10
N MET B 329 9.73 9.59 -22.91
CA MET B 329 10.70 10.67 -22.74
C MET B 329 11.98 10.43 -23.55
N ARG B 330 12.45 9.18 -23.53
CA ARG B 330 13.63 8.78 -24.29
C ARG B 330 13.33 8.77 -25.79
N GLU B 331 12.18 8.22 -26.15
CA GLU B 331 11.73 8.10 -27.53
C GLU B 331 11.51 9.45 -28.20
N MET B 332 10.96 10.38 -27.43
CA MET B 332 10.69 11.72 -27.94
C MET B 332 11.84 12.71 -27.72
N LYS B 333 12.95 12.23 -27.16
CA LYS B 333 14.16 13.02 -26.89
C LYS B 333 13.89 14.27 -26.06
N ILE B 334 13.04 14.13 -25.06
CA ILE B 334 12.74 15.21 -24.14
C ILE B 334 13.82 15.27 -23.08
N PRO B 335 14.55 16.39 -23.00
CA PRO B 335 15.64 16.51 -22.03
C PRO B 335 15.13 16.40 -20.58
N PRO B 336 15.97 15.90 -19.66
CA PRO B 336 15.51 15.74 -18.26
C PRO B 336 15.15 17.06 -17.58
N SER B 337 14.36 16.99 -16.52
CA SER B 337 13.93 18.15 -15.76
C SER B 337 15.12 18.81 -15.09
N THR B 338 15.08 20.14 -14.96
CA THR B 338 16.16 20.87 -14.31
C THR B 338 15.62 21.84 -13.25
N VAL B 339 14.32 21.78 -12.99
CA VAL B 339 13.70 22.58 -11.94
C VAL B 339 13.19 21.58 -10.88
N PRO B 340 13.16 21.97 -9.58
CA PRO B 340 12.54 21.01 -8.65
C PRO B 340 11.04 20.86 -8.87
N LEU B 341 10.52 19.73 -8.42
CA LEU B 341 9.10 19.47 -8.34
C LEU B 341 8.41 20.54 -7.50
N TYR B 342 7.32 21.09 -8.00
CA TYR B 342 6.58 22.12 -7.29
C TYR B 342 6.08 21.60 -5.94
N LYS B 343 6.10 22.49 -4.95
CA LYS B 343 5.61 22.18 -3.61
C LYS B 343 4.87 23.36 -3.00
N TYR B 344 3.64 23.11 -2.57
CA TYR B 344 2.91 24.06 -1.74
C TYR B 344 2.98 23.53 -0.32
N PRO B 345 2.81 24.42 0.68
CA PRO B 345 2.67 23.95 2.05
C PRO B 345 1.40 23.11 2.20
N TRP B 346 1.48 22.08 3.04
CA TRP B 346 0.34 21.20 3.30
C TRP B 346 -0.22 21.46 4.67
#